data_3IZQ
#
_entry.id   3IZQ
#
_cell.length_a   0.000
_cell.length_b   0.000
_cell.length_c   0.000
_cell.angle_alpha   90.00
_cell.angle_beta   90.00
_cell.angle_gamma   90.00
#
_symmetry.space_group_name_H-M   'P 1'
#
loop_
_entity.id
_entity.type
_entity.pdbx_description
1 polymer 'Protein DOM34'
2 polymer 'Elongation factor 1 alpha-like protein'
#
loop_
_entity_poly.entity_id
_entity_poly.type
_entity_poly.pdbx_seq_one_letter_code
_entity_poly.pdbx_strand_id
1 'polypeptide(L)'
;MKVISLKKDSFNKGGAVITLLPEDKEDLFTVYQIVDKDDELIFKKKFTSKLDEAGKKKSTDLVKLKIKVISEDFDMKDEY
LKYKGVTVTDESGASNVDIPVGKYLSFTLDYVYPFTIIKQNFNKFMQKLLNEACNIEYKSDTAAVVLQEGIAHVCLVTSS
STILKQKIEYSMPKKKRTTDVLKFDEKTEKFYKAIYSAMKKDLNFDKLKTIILCSPGFYAKILMDKIFQYAEEEHNKKIL
DNKGMFFIAHCSTGYLQGINEVLKNPLYASKLQDTKYSKEIMVMDEFLLHLNKDDDKAWYGEKEVVKAAEYGAISYLLLT
DKVLHSDNIAQREEYLKLMDSVESNGGKALVLSTLHSLGEELDQLTGIACILKYPLPDLDEDDGEE
;
0
2 'polypeptide(L)'
;MAYSDYSDGADDMPDFHDEGEFDDYLNDDEYELMNEVFPTLKAQLQDYQGWDNLSLKLALFDNNFDLESTLAELKKTLKK
KKTPKKPIAAANGSANVTQKLANISISQQRPNDRLPDWLDEEESEGERNGEEANDEKTVQRYYKTTVPTKPKKPHDISAF
VKSALPHLSFVVLGHVDAGKSTLMGRLLYDLNIVNQSQLRKLQRESETMGKSSFKFAWIMDQTNEERERGVTVSICTSHF
STHRANFTIVDAPGHRDFVPNAIMGISQADMAILCVDCSTNAFESGFDLDGQTKEHMLLASSLGIHNLIIAMNKMDNVDW
SQQRFEEIKSKLLPYLVDIGFFEDNINWVPISGFSGEGVYKIEYTDEVRQWYNGPNLMSTLENAAFKISKENEGINKDDP
FLFSVLEIIPSKKTSNDLALVSGKLESGSIQPGESLTIYPSEQSCIVDKIQVGSQQGQSTNHEETDVAIKGDFVTLKLRK
AYPEDIQNGDLAASVDYSSIHSAQCFVLELTTFDMNRPLLPGTPFILFIGVKEQPARIKRLISFIDKGNTASKKKIRHLG
SKQRAFVEIELIEVKRWIPLLTAHENDRLGRVVLRKDGRTIAAGKISEITQ
;
1
#
# COMPACT_ATOMS: atom_id res chain seq x y z
N MET A 1 -20.61 24.89 -12.68
CA MET A 1 -21.47 25.57 -11.65
C MET A 1 -22.16 26.76 -12.27
N LYS A 2 -23.43 27.11 -11.80
CA LYS A 2 -24.23 28.34 -12.15
C LYS A 2 -24.84 29.02 -10.87
N VAL A 3 -24.62 30.30 -10.71
CA VAL A 3 -25.06 30.95 -9.53
C VAL A 3 -26.24 31.79 -9.87
N ILE A 4 -27.47 31.42 -9.50
CA ILE A 4 -28.77 32.12 -9.79
C ILE A 4 -28.83 33.38 -9.00
N SER A 5 -28.62 33.38 -7.65
CA SER A 5 -28.53 34.65 -7.04
C SER A 5 -27.48 34.49 -6.01
N LEU A 6 -27.24 35.61 -5.26
CA LEU A 6 -26.02 35.75 -4.51
C LEU A 6 -26.27 37.08 -3.97
N LYS A 7 -26.62 37.30 -2.71
CA LYS A 7 -27.10 38.72 -2.46
C LYS A 7 -26.50 39.09 -1.20
N LYS A 8 -26.48 40.40 -0.94
CA LYS A 8 -25.90 40.92 0.29
C LYS A 8 -26.95 41.69 1.10
N ASP A 9 -27.60 40.99 2.02
CA ASP A 9 -28.63 41.61 2.87
C ASP A 9 -28.17 42.97 3.38
N SER A 10 -29.11 43.73 3.93
CA SER A 10 -28.81 45.06 4.45
C SER A 10 -28.73 45.03 5.98
N PHE A 11 -29.15 44.18 6.89
CA PHE A 11 -28.77 44.14 8.35
C PHE A 11 -27.68 43.23 8.62
N ASN A 12 -27.23 42.50 7.55
CA ASN A 12 -26.00 41.78 7.87
C ASN A 12 -24.95 41.92 6.77
N LYS A 13 -23.94 42.75 7.03
CA LYS A 13 -22.87 42.96 6.06
C LYS A 13 -22.23 41.65 5.62
N GLY A 14 -21.83 40.85 6.61
CA GLY A 14 -21.19 39.55 6.33
C GLY A 14 -22.27 38.48 6.15
N GLY A 15 -21.96 37.15 6.08
CA GLY A 15 -22.67 36.08 5.32
C GLY A 15 -23.48 36.39 4.10
N ALA A 16 -24.42 35.53 3.70
CA ALA A 16 -24.94 35.74 2.31
C ALA A 16 -26.11 34.81 2.07
N VAL A 17 -26.77 34.97 0.90
CA VAL A 17 -27.86 34.16 0.43
C VAL A 17 -27.56 33.68 -0.93
N ILE A 18 -27.13 32.44 -1.14
CA ILE A 18 -26.69 31.92 -2.39
C ILE A 18 -27.64 31.03 -3.01
N THR A 19 -28.14 31.27 -4.19
CA THR A 19 -28.98 30.22 -4.88
C THR A 19 -28.20 29.71 -5.96
N LEU A 20 -27.92 28.41 -6.09
CA LEU A 20 -26.90 27.91 -6.94
C LEU A 20 -27.20 26.55 -7.48
N LEU A 21 -26.46 26.19 -8.57
CA LEU A 21 -26.70 25.01 -9.34
C LEU A 21 -25.33 24.31 -9.60
N PRO A 22 -25.04 23.18 -8.97
CA PRO A 22 -23.90 22.29 -9.29
C PRO A 22 -24.11 21.62 -10.64
N GLU A 23 -23.05 21.56 -11.45
CA GLU A 23 -23.22 20.95 -12.78
C GLU A 23 -22.48 19.63 -13.00
N ASP A 24 -21.40 19.38 -12.18
CA ASP A 24 -20.65 18.14 -12.28
C ASP A 24 -19.93 17.97 -10.91
N LYS A 25 -19.20 16.85 -10.74
CA LYS A 25 -18.66 16.52 -9.43
C LYS A 25 -17.61 17.44 -8.94
N GLU A 26 -17.04 18.26 -9.84
CA GLU A 26 -16.11 19.35 -9.53
C GLU A 26 -16.86 20.51 -8.86
N ASP A 27 -18.13 20.69 -9.18
CA ASP A 27 -18.97 21.58 -8.46
C ASP A 27 -19.55 21.03 -7.16
N LEU A 28 -19.66 19.73 -7.04
CA LEU A 28 -19.99 19.04 -5.74
C LEU A 28 -18.84 19.22 -4.73
N PHE A 29 -17.56 19.10 -5.22
CA PHE A 29 -16.44 19.49 -4.34
C PHE A 29 -16.35 20.95 -3.93
N THR A 30 -16.66 21.90 -4.82
CA THR A 30 -16.75 23.34 -4.49
C THR A 30 -17.78 23.66 -3.44
N VAL A 31 -19.01 23.12 -3.64
CA VAL A 31 -20.06 23.23 -2.70
C VAL A 31 -19.59 22.74 -1.40
N TYR A 32 -18.89 21.57 -1.38
CA TYR A 32 -18.27 21.12 -0.12
C TYR A 32 -17.54 22.09 0.83
N GLN A 33 -16.77 22.95 0.24
CA GLN A 33 -15.91 23.88 0.94
C GLN A 33 -16.65 25.20 1.27
N ILE A 34 -17.93 25.33 0.94
CA ILE A 34 -18.81 26.44 1.02
C ILE A 34 -19.81 26.20 2.15
N VAL A 35 -20.59 25.14 2.15
CA VAL A 35 -21.45 24.86 3.27
C VAL A 35 -20.77 24.69 4.62
N ASP A 36 -21.16 25.43 5.62
CA ASP A 36 -20.67 25.17 6.95
C ASP A 36 -21.79 24.69 7.81
N LYS A 37 -21.45 24.01 8.90
CA LYS A 37 -22.45 23.46 9.84
C LYS A 37 -23.14 24.62 10.46
N ASP A 38 -24.48 24.57 10.57
CA ASP A 38 -25.34 25.67 11.09
C ASP A 38 -25.86 26.71 10.06
N ASP A 39 -25.17 26.80 8.88
CA ASP A 39 -25.76 27.33 7.64
C ASP A 39 -27.05 26.59 7.34
N GLU A 40 -28.00 27.21 6.59
CA GLU A 40 -29.27 26.54 6.34
C GLU A 40 -29.61 26.47 4.89
N LEU A 41 -29.91 25.24 4.45
CA LEU A 41 -30.06 24.87 3.07
C LEU A 41 -31.53 24.59 2.86
N ILE A 42 -32.11 25.06 1.74
CA ILE A 42 -33.52 24.86 1.46
C ILE A 42 -33.70 24.20 0.11
N PHE A 43 -34.27 22.98 0.10
CA PHE A 43 -34.36 22.14 -1.09
C PHE A 43 -35.80 21.74 -1.44
N LYS A 44 -35.91 20.92 -2.49
CA LYS A 44 -37.10 20.13 -2.82
C LYS A 44 -36.58 18.67 -2.63
N LYS A 45 -37.53 17.76 -2.46
CA LYS A 45 -37.20 16.35 -2.28
C LYS A 45 -38.25 15.45 -2.94
N LYS A 46 -39.37 14.81 -2.46
CA LYS A 46 -40.34 13.79 -2.74
C LYS A 46 -40.45 13.10 -1.32
N PHE A 47 -40.88 13.78 -0.14
CA PHE A 47 -41.17 13.10 1.11
C PHE A 47 -42.69 13.03 1.27
N THR A 48 -42.89 11.83 0.42
CA THR A 48 -44.03 10.89 0.37
C THR A 48 -43.63 9.42 0.59
N SER A 49 -44.05 8.79 1.74
CA SER A 49 -44.98 7.64 1.82
C SER A 49 -45.15 7.10 3.24
N LYS A 50 -46.38 6.69 3.72
CA LYS A 50 -46.74 6.56 5.16
C LYS A 50 -47.33 5.23 5.57
N LEU A 51 -47.13 4.89 6.88
CA LEU A 51 -47.87 3.98 7.79
C LEU A 51 -49.40 3.98 7.69
N ASP A 52 -50.10 3.31 8.64
CA ASP A 52 -51.27 2.54 8.32
C ASP A 52 -51.43 1.54 9.44
N GLU A 53 -52.07 1.84 10.62
CA GLU A 53 -52.52 3.20 11.03
C GLU A 53 -53.74 3.63 10.36
N ALA A 54 -54.38 4.75 10.94
CA ALA A 54 -55.60 5.40 10.33
C ALA A 54 -55.22 5.60 8.90
N GLY A 55 -56.19 5.19 8.09
CA GLY A 55 -55.96 5.18 6.67
C GLY A 55 -54.72 4.34 6.15
N LYS A 56 -54.79 3.80 4.91
CA LYS A 56 -53.77 3.58 3.96
C LYS A 56 -52.39 4.16 4.13
N LYS A 57 -52.02 5.50 3.94
CA LYS A 57 -52.79 6.63 3.54
C LYS A 57 -51.67 7.54 3.21
N LYS A 58 -51.78 8.36 2.08
CA LYS A 58 -50.78 9.40 1.85
C LYS A 58 -51.30 10.42 0.86
N SER A 59 -50.42 11.03 0.09
CA SER A 59 -50.88 12.03 -0.88
C SER A 59 -49.87 12.27 -1.99
N THR A 60 -48.68 12.72 -1.61
CA THR A 60 -47.66 13.13 -2.57
C THR A 60 -47.32 14.57 -2.27
N ASP A 61 -47.28 15.41 -3.30
CA ASP A 61 -46.98 16.82 -3.11
C ASP A 61 -45.66 17.19 -3.79
N LEU A 62 -44.68 17.62 -3.01
CA LEU A 62 -43.39 18.06 -3.54
C LEU A 62 -42.87 19.12 -2.59
N VAL A 63 -42.41 18.64 -1.45
CA VAL A 63 -42.22 19.43 -0.23
C VAL A 63 -40.73 19.74 -0.04
N LYS A 64 -40.41 21.01 0.19
CA LYS A 64 -39.03 21.46 0.37
C LYS A 64 -38.72 21.74 1.85
N LEU A 65 -37.43 21.09 2.18
CA LEU A 65 -36.82 21.39 3.55
C LEU A 65 -35.79 22.30 3.84
N LYS A 66 -36.12 23.33 4.63
CA LYS A 66 -35.25 24.31 5.06
C LYS A 66 -34.65 23.64 6.24
N ILE A 67 -33.51 23.07 6.07
CA ILE A 67 -32.88 22.19 7.00
C ILE A 67 -31.63 22.84 7.51
N LYS A 68 -31.38 22.70 8.83
CA LYS A 68 -30.17 23.22 9.40
C LYS A 68 -29.14 22.19 9.10
N VAL A 69 -27.92 22.87 8.83
CA VAL A 69 -27.03 21.78 8.52
C VAL A 69 -26.40 21.17 9.74
N ILE A 70 -26.18 19.83 9.90
CA ILE A 70 -25.36 19.34 11.04
C ILE A 70 -24.16 18.52 10.51
N SER A 71 -24.29 17.60 9.59
CA SER A 71 -23.19 16.92 8.89
C SER A 71 -23.51 16.54 7.48
N GLU A 72 -22.52 15.90 6.85
CA GLU A 72 -22.28 15.69 5.47
C GLU A 72 -21.82 14.25 5.17
N ASP A 73 -22.29 13.69 4.05
CA ASP A 73 -21.80 12.39 3.49
C ASP A 73 -21.25 12.75 2.16
N PHE A 74 -19.91 12.71 1.94
CA PHE A 74 -19.23 13.14 0.74
C PHE A 74 -18.39 12.05 0.23
N ASP A 75 -18.66 11.61 -1.05
CA ASP A 75 -17.85 10.70 -1.79
C ASP A 75 -17.72 11.18 -3.29
N MET A 76 -16.59 11.94 -3.54
CA MET A 76 -16.25 12.55 -4.79
C MET A 76 -16.26 11.60 -5.97
N LYS A 77 -15.63 10.40 -5.80
CA LYS A 77 -15.54 9.38 -6.81
C LYS A 77 -16.93 8.86 -7.21
N ASP A 78 -17.77 8.65 -6.23
CA ASP A 78 -19.14 8.15 -6.30
C ASP A 78 -20.11 9.30 -6.70
N GLU A 79 -19.60 10.53 -6.86
CA GLU A 79 -20.31 11.75 -7.34
C GLU A 79 -21.63 11.97 -6.50
N TYR A 80 -21.41 11.93 -5.17
CA TYR A 80 -22.42 12.00 -4.15
C TYR A 80 -22.05 12.90 -2.99
N LEU A 81 -22.81 13.97 -2.78
CA LEU A 81 -22.82 14.84 -1.60
C LEU A 81 -24.20 14.85 -0.97
N LYS A 82 -24.32 14.63 0.31
CA LYS A 82 -25.51 14.72 1.11
C LYS A 82 -25.32 15.40 2.42
N TYR A 83 -26.16 16.37 2.73
CA TYR A 83 -26.19 17.13 3.98
C TYR A 83 -27.36 16.80 4.88
N LYS A 84 -27.06 16.40 6.12
CA LYS A 84 -27.90 15.98 7.18
C LYS A 84 -28.23 17.17 8.06
N GLY A 85 -29.43 17.21 8.65
CA GLY A 85 -29.82 18.33 9.48
C GLY A 85 -31.19 18.08 10.10
N VAL A 86 -31.71 18.99 10.84
CA VAL A 86 -33.08 19.04 11.38
C VAL A 86 -33.73 20.22 10.65
N THR A 87 -35.05 20.11 10.52
CA THR A 87 -35.83 21.16 9.86
C THR A 87 -35.78 22.47 10.63
N VAL A 88 -35.58 23.56 9.92
CA VAL A 88 -35.51 24.88 10.53
C VAL A 88 -36.82 25.24 11.23
N THR A 89 -37.73 24.50 10.57
CA THR A 89 -39.07 24.08 10.59
C THR A 89 -39.48 25.08 9.48
N ASP A 90 -40.61 25.83 9.37
CA ASP A 90 -40.74 27.07 8.55
C ASP A 90 -41.95 27.88 8.90
N GLU A 91 -41.79 29.14 9.32
CA GLU A 91 -40.69 29.91 9.91
C GLU A 91 -41.43 31.11 10.50
N SER A 92 -42.77 30.93 10.60
CA SER A 92 -43.86 31.84 10.21
C SER A 92 -44.89 31.14 9.29
N GLY A 93 -44.67 29.86 8.82
CA GLY A 93 -45.48 29.25 7.78
C GLY A 93 -45.03 29.65 6.39
N ALA A 94 -44.22 30.70 6.31
CA ALA A 94 -43.72 31.17 5.03
C ALA A 94 -42.86 30.12 4.35
N SER A 95 -42.01 29.24 4.93
CA SER A 95 -41.23 28.17 4.39
C SER A 95 -41.54 27.02 5.14
N ASN A 96 -40.90 25.91 4.80
CA ASN A 96 -41.13 24.56 5.29
C ASN A 96 -42.58 24.13 5.14
N VAL A 97 -43.46 25.10 4.86
CA VAL A 97 -44.87 24.82 4.69
C VAL A 97 -45.10 23.44 4.10
N ASP A 98 -45.86 22.61 4.81
CA ASP A 98 -46.16 21.26 4.34
C ASP A 98 -45.27 20.23 5.05
N ILE A 99 -44.15 20.70 5.60
CA ILE A 99 -43.22 19.83 6.29
C ILE A 99 -43.67 19.55 7.72
N PRO A 100 -43.47 18.33 8.18
CA PRO A 100 -43.86 17.94 9.54
C PRO A 100 -42.75 18.20 10.54
N VAL A 101 -42.91 19.25 11.34
CA VAL A 101 -41.91 19.61 12.35
C VAL A 101 -41.56 18.42 13.23
N GLY A 102 -40.29 18.34 13.63
CA GLY A 102 -39.83 17.25 14.47
C GLY A 102 -39.50 16.01 13.68
N LYS A 103 -38.27 15.84 13.11
CA LYS A 103 -37.99 14.91 12.02
C LYS A 103 -36.69 15.40 11.50
N TYR A 104 -35.51 14.71 11.71
CA TYR A 104 -34.33 15.00 10.90
C TYR A 104 -34.67 14.97 9.41
N LEU A 105 -33.76 15.48 8.59
CA LEU A 105 -33.96 15.52 7.12
C LEU A 105 -32.66 15.68 6.45
N SER A 106 -32.41 15.05 5.31
CA SER A 106 -31.23 15.24 4.58
C SER A 106 -31.48 15.78 3.14
N PHE A 107 -30.43 16.28 2.44
CA PHE A 107 -30.49 16.76 1.07
C PHE A 107 -29.34 16.16 0.34
N THR A 108 -29.69 15.24 -0.50
CA THR A 108 -28.71 14.59 -1.43
C THR A 108 -28.80 15.44 -2.69
N LEU A 109 -27.63 15.96 -3.10
CA LEU A 109 -27.47 16.92 -4.15
C LEU A 109 -27.75 16.27 -5.52
N ASP A 110 -28.37 17.08 -6.41
CA ASP A 110 -28.61 16.70 -7.83
C ASP A 110 -28.11 17.86 -8.71
N TYR A 111 -27.78 17.54 -9.95
CA TYR A 111 -27.34 18.55 -10.89
C TYR A 111 -28.56 19.17 -11.57
N VAL A 112 -29.76 18.91 -11.11
CA VAL A 112 -30.75 19.50 -11.91
C VAL A 112 -31.38 20.54 -10.98
N TYR A 113 -31.75 20.33 -9.66
CA TYR A 113 -32.38 21.46 -8.94
C TYR A 113 -31.45 22.40 -8.23
N PRO A 114 -31.79 23.80 -8.39
CA PRO A 114 -31.00 24.63 -7.57
C PRO A 114 -31.36 24.62 -6.15
N PHE A 115 -30.52 25.13 -5.25
CA PHE A 115 -30.86 25.16 -3.87
C PHE A 115 -30.23 26.45 -3.36
N THR A 116 -30.65 26.86 -2.15
CA THR A 116 -30.24 28.12 -1.56
C THR A 116 -29.56 27.92 -0.31
N ILE A 117 -28.39 28.67 -0.14
CA ILE A 117 -27.56 28.61 0.98
C ILE A 117 -27.70 29.90 1.72
N ILE A 118 -28.33 29.84 2.94
CA ILE A 118 -28.31 30.92 3.89
C ILE A 118 -27.04 30.86 4.68
N LYS A 119 -26.00 31.60 4.30
CA LYS A 119 -24.62 31.39 4.74
C LYS A 119 -24.20 32.35 5.81
N GLN A 120 -23.34 31.94 6.77
CA GLN A 120 -22.91 32.80 7.82
C GLN A 120 -21.46 33.34 7.67
N ASN A 121 -20.51 32.48 7.17
CA ASN A 121 -19.08 32.74 7.21
C ASN A 121 -18.67 32.71 5.74
N PHE A 122 -19.48 33.34 4.83
CA PHE A 122 -19.08 33.47 3.43
C PHE A 122 -17.94 34.37 3.27
N ASN A 123 -16.78 33.77 2.90
CA ASN A 123 -15.47 34.45 2.79
C ASN A 123 -14.96 34.65 1.41
N LYS A 124 -13.91 35.49 1.32
CA LYS A 124 -13.26 35.76 0.07
C LYS A 124 -12.56 34.60 -0.63
N PHE A 125 -12.06 33.61 0.19
CA PHE A 125 -11.51 32.34 -0.33
C PHE A 125 -12.55 31.48 -1.02
N MET A 126 -13.77 31.31 -0.43
CA MET A 126 -14.97 30.64 -0.99
C MET A 126 -15.49 31.29 -2.26
N GLN A 127 -15.47 32.65 -2.18
CA GLN A 127 -15.99 33.54 -3.25
C GLN A 127 -15.05 33.42 -4.53
N LYS A 128 -13.73 33.25 -4.27
CA LYS A 128 -12.89 32.82 -5.31
C LYS A 128 -13.33 31.52 -5.97
N LEU A 129 -13.74 30.46 -5.21
CA LEU A 129 -14.08 29.20 -5.87
C LEU A 129 -15.57 29.27 -6.39
N LEU A 130 -16.28 30.39 -6.18
CA LEU A 130 -17.74 30.50 -6.50
C LEU A 130 -17.94 31.49 -7.61
N ASN A 131 -16.76 32.17 -7.90
CA ASN A 131 -16.64 33.08 -9.06
C ASN A 131 -15.28 32.97 -9.76
N GLU A 132 -14.58 31.80 -9.76
CA GLU A 132 -13.41 31.60 -10.59
C GLU A 132 -13.43 30.14 -11.09
N ALA A 133 -14.07 29.21 -10.37
CA ALA A 133 -13.85 27.83 -10.58
C ALA A 133 -14.96 26.98 -9.99
N CYS A 134 -16.22 27.27 -10.15
CA CYS A 134 -16.92 28.18 -10.99
C CYS A 134 -16.50 28.60 -12.39
N ASN A 135 -15.85 27.68 -13.14
CA ASN A 135 -14.92 27.95 -14.22
C ASN A 135 -15.68 27.37 -15.35
N ILE A 136 -16.69 28.14 -15.80
CA ILE A 136 -17.50 28.00 -17.03
C ILE A 136 -16.73 27.93 -18.30
N GLU A 137 -15.41 27.51 -18.25
CA GLU A 137 -14.57 27.31 -19.41
C GLU A 137 -13.97 25.91 -19.32
N TYR A 138 -13.47 25.66 -18.16
CA TYR A 138 -12.98 24.43 -17.51
C TYR A 138 -11.66 23.94 -18.12
N LYS A 139 -10.58 23.87 -17.29
CA LYS A 139 -9.28 23.69 -17.93
C LYS A 139 -8.54 22.41 -17.62
N SER A 140 -8.89 21.77 -16.45
CA SER A 140 -8.56 20.46 -16.00
C SER A 140 -8.92 19.34 -17.01
N ASP A 141 -7.94 18.65 -17.41
CA ASP A 141 -8.03 17.88 -18.65
C ASP A 141 -7.66 16.39 -18.62
N THR A 142 -7.56 15.76 -17.45
CA THR A 142 -6.65 14.65 -17.43
C THR A 142 -7.15 13.47 -16.80
N ALA A 143 -6.67 12.33 -17.29
CA ALA A 143 -6.93 11.03 -16.80
C ALA A 143 -5.60 10.33 -16.78
N ALA A 144 -5.41 9.39 -15.81
CA ALA A 144 -4.32 8.53 -15.80
C ALA A 144 -4.59 7.05 -15.71
N VAL A 145 -3.53 6.34 -15.95
CA VAL A 145 -3.48 4.94 -15.75
C VAL A 145 -2.01 4.55 -15.32
N VAL A 146 -1.88 4.27 -14.08
CA VAL A 146 -0.59 3.75 -13.49
C VAL A 146 -0.66 2.21 -13.39
N LEU A 147 0.36 1.51 -13.84
CA LEU A 147 0.38 0.03 -13.90
C LEU A 147 1.78 -0.64 -13.53
N GLN A 148 1.87 -1.46 -12.50
CA GLN A 148 3.07 -2.35 -12.10
C GLN A 148 3.24 -3.52 -13.06
N GLU A 149 3.96 -4.65 -12.76
CA GLU A 149 3.86 -5.76 -13.67
C GLU A 149 2.57 -6.55 -13.51
N GLY A 150 1.70 -6.16 -12.47
CA GLY A 150 0.55 -6.99 -12.12
C GLY A 150 -0.74 -6.29 -11.77
N ILE A 151 -0.72 -5.07 -11.27
CA ILE A 151 -1.91 -4.27 -10.93
C ILE A 151 -1.85 -3.00 -11.79
N ALA A 152 -3.01 -2.46 -12.13
CA ALA A 152 -3.22 -1.20 -12.76
C ALA A 152 -4.38 -0.48 -12.10
N HIS A 153 -4.31 0.80 -12.15
CA HIS A 153 -5.35 1.70 -11.63
C HIS A 153 -5.77 2.83 -12.61
N VAL A 154 -7.04 2.63 -13.11
CA VAL A 154 -7.67 3.75 -13.84
C VAL A 154 -7.86 4.86 -12.81
N CYS A 155 -7.41 6.08 -13.15
CA CYS A 155 -7.55 7.18 -12.26
C CYS A 155 -8.02 8.39 -12.98
N LEU A 156 -8.27 9.51 -12.32
CA LEU A 156 -8.77 10.75 -12.86
C LEU A 156 -8.08 11.81 -12.06
N VAL A 157 -7.19 12.58 -12.74
CA VAL A 157 -6.58 13.74 -12.19
C VAL A 157 -7.61 14.82 -12.24
N THR A 158 -8.05 15.39 -11.16
CA THR A 158 -9.14 16.25 -10.90
C THR A 158 -8.63 17.63 -10.80
N SER A 159 -9.43 18.74 -10.71
CA SER A 159 -8.95 20.12 -10.35
C SER A 159 -8.39 20.25 -8.97
N SER A 160 -8.28 19.09 -8.32
CA SER A 160 -7.34 18.88 -7.26
C SER A 160 -6.78 17.49 -7.23
N SER A 161 -7.45 16.32 -7.39
CA SER A 161 -7.08 14.97 -6.78
C SER A 161 -6.77 13.90 -7.72
N THR A 162 -6.02 12.83 -7.32
CA THR A 162 -5.75 11.64 -8.09
C THR A 162 -6.77 10.59 -7.55
N ILE A 163 -8.01 10.78 -7.91
CA ILE A 163 -9.06 9.94 -7.55
C ILE A 163 -9.08 8.61 -8.28
N LEU A 164 -9.08 7.49 -7.58
CA LEU A 164 -9.16 6.23 -8.21
C LEU A 164 -10.66 6.08 -8.64
N LYS A 165 -10.76 5.28 -9.73
CA LYS A 165 -12.03 4.84 -10.35
C LYS A 165 -12.07 3.35 -10.37
N GLN A 166 -10.92 2.64 -10.31
CA GLN A 166 -11.02 1.21 -10.66
C GLN A 166 -9.66 0.59 -10.48
N LYS A 167 -9.60 -0.12 -9.36
CA LYS A 167 -8.39 -0.85 -8.98
C LYS A 167 -8.31 -2.19 -9.68
N ILE A 168 -8.36 -2.17 -11.00
CA ILE A 168 -8.30 -3.41 -11.79
C ILE A 168 -7.15 -4.30 -11.35
N GLU A 169 -7.02 -5.45 -11.98
CA GLU A 169 -5.97 -6.41 -11.65
C GLU A 169 -6.32 -7.80 -12.15
N TYR A 170 -5.32 -8.51 -12.67
CA TYR A 170 -5.51 -9.86 -13.18
C TYR A 170 -4.48 -10.82 -12.59
N SER A 171 -4.47 -12.05 -13.10
CA SER A 171 -3.55 -13.04 -12.64
C SER A 171 -2.34 -12.90 -13.43
N MET A 172 -1.27 -12.25 -12.86
CA MET A 172 -0.08 -11.76 -13.40
C MET A 172 0.91 -12.87 -13.54
N PRO A 173 1.70 -12.91 -14.61
CA PRO A 173 2.70 -13.96 -14.80
C PRO A 173 3.78 -13.91 -13.73
N LYS A 174 4.11 -15.07 -13.04
CA LYS A 174 5.05 -15.13 -12.02
C LYS A 174 6.21 -16.00 -12.49
N LYS A 175 6.29 -16.34 -13.81
CA LYS A 175 7.35 -17.17 -14.36
C LYS A 175 7.24 -18.61 -13.89
N LYS A 176 6.57 -19.44 -14.70
CA LYS A 176 6.38 -20.84 -14.36
C LYS A 176 7.55 -21.68 -14.85
N ARG A 177 7.69 -22.88 -14.30
CA ARG A 177 8.76 -23.79 -14.67
C ARG A 177 8.88 -23.91 -16.19
N THR A 178 7.92 -24.60 -16.79
CA THR A 178 7.91 -24.80 -18.24
C THR A 178 8.25 -23.51 -18.97
N THR A 179 8.33 -23.59 -20.29
CA THR A 179 8.65 -22.42 -21.11
C THR A 179 7.82 -21.21 -20.70
N ASP A 180 6.83 -21.20 -19.72
CA ASP A 180 5.94 -20.14 -19.28
C ASP A 180 4.58 -20.70 -19.46
N VAL A 181 4.21 -21.93 -19.00
CA VAL A 181 2.84 -22.39 -19.10
C VAL A 181 1.95 -21.36 -19.79
N LEU A 182 1.73 -21.55 -21.09
CA LEU A 182 0.91 -20.63 -21.87
C LEU A 182 -0.09 -19.90 -20.99
N LYS A 183 -0.08 -20.22 -19.70
CA LYS A 183 -0.98 -19.61 -18.77
C LYS A 183 -0.63 -18.16 -18.66
N PHE A 184 0.68 -17.86 -18.68
CA PHE A 184 1.20 -16.53 -18.55
C PHE A 184 0.67 -15.69 -19.68
N ASP A 185 0.86 -16.16 -20.94
CA ASP A 185 0.46 -15.39 -22.08
C ASP A 185 -1.04 -15.26 -22.14
N GLU A 186 -1.78 -16.33 -21.86
CA GLU A 186 -3.20 -16.21 -21.96
C GLU A 186 -3.68 -15.22 -20.95
N LYS A 187 -3.09 -15.27 -19.74
CA LYS A 187 -3.50 -14.39 -18.69
C LYS A 187 -3.22 -12.97 -19.09
N THR A 188 -2.09 -12.75 -19.80
CA THR A 188 -1.75 -11.40 -20.16
C THR A 188 -2.75 -10.85 -21.14
N GLU A 189 -3.20 -11.66 -22.10
CA GLU A 189 -4.10 -11.20 -23.12
C GLU A 189 -5.40 -10.77 -22.52
N LYS A 190 -5.89 -11.52 -21.52
CA LYS A 190 -7.16 -11.22 -20.92
C LYS A 190 -7.06 -9.87 -20.27
N PHE A 191 -5.89 -9.59 -19.67
CA PHE A 191 -5.65 -8.36 -18.96
C PHE A 191 -5.71 -7.20 -19.92
N TYR A 192 -5.07 -7.34 -21.10
CA TYR A 192 -5.06 -6.25 -22.04
C TYR A 192 -6.48 -5.95 -22.36
N LYS A 193 -7.27 -7.00 -22.58
CA LYS A 193 -8.65 -6.85 -22.95
C LYS A 193 -9.38 -6.15 -21.84
N ALA A 194 -9.06 -6.49 -20.57
CA ALA A 194 -9.79 -5.96 -19.46
C ALA A 194 -9.65 -4.46 -19.33
N ILE A 195 -8.42 -3.92 -19.39
CA ILE A 195 -8.28 -2.50 -19.18
C ILE A 195 -8.92 -1.76 -20.31
N TYR A 196 -8.78 -2.28 -21.54
CA TYR A 196 -9.32 -1.60 -22.67
C TYR A 196 -10.78 -1.41 -22.46
N SER A 197 -11.47 -2.47 -21.98
CA SER A 197 -12.88 -2.35 -21.81
C SER A 197 -13.17 -1.29 -20.79
N ALA A 198 -12.36 -1.24 -19.71
CA ALA A 198 -12.62 -0.32 -18.64
C ALA A 198 -12.47 1.11 -19.08
N MET A 199 -11.33 1.44 -19.73
CA MET A 199 -11.06 2.79 -20.13
C MET A 199 -12.08 3.20 -21.13
N LYS A 200 -12.49 2.25 -21.99
CA LYS A 200 -13.45 2.60 -22.99
C LYS A 200 -14.68 3.10 -22.32
N LYS A 201 -15.15 2.41 -21.27
CA LYS A 201 -16.33 2.88 -20.60
C LYS A 201 -16.07 4.11 -19.76
N ASP A 202 -14.98 4.09 -18.97
CA ASP A 202 -14.73 5.14 -18.01
C ASP A 202 -14.42 6.48 -18.62
N LEU A 203 -13.63 6.48 -19.69
CA LEU A 203 -13.23 7.72 -20.35
C LEU A 203 -14.27 8.19 -21.36
N ASN A 204 -14.16 9.45 -21.76
CA ASN A 204 -15.07 10.03 -22.74
C ASN A 204 -14.39 11.10 -23.59
N PHE A 205 -13.89 10.69 -24.76
CA PHE A 205 -13.20 11.60 -25.65
C PHE A 205 -14.11 12.74 -26.09
N ASP A 206 -14.63 13.48 -25.12
CA ASP A 206 -15.51 14.61 -25.41
C ASP A 206 -15.20 15.79 -24.49
N LYS A 207 -14.68 15.49 -23.30
CA LYS A 207 -14.35 16.53 -22.34
C LYS A 207 -12.88 16.46 -21.93
N LEU A 208 -12.31 15.26 -22.02
CA LEU A 208 -10.91 15.06 -21.67
C LEU A 208 -9.98 15.45 -22.81
N LYS A 209 -8.78 15.89 -22.46
CA LYS A 209 -7.79 16.31 -23.46
C LYS A 209 -6.49 15.55 -23.30
N THR A 210 -6.22 15.10 -22.08
CA THR A 210 -4.97 14.34 -21.79
C THR A 210 -5.31 13.01 -21.16
N ILE A 211 -4.67 11.97 -21.68
CA ILE A 211 -4.60 10.68 -21.00
C ILE A 211 -3.19 10.25 -20.84
N ILE A 212 -2.78 10.06 -19.61
CA ILE A 212 -1.41 9.70 -19.24
C ILE A 212 -1.33 8.23 -18.94
N LEU A 213 -0.35 7.55 -19.54
CA LEU A 213 -0.08 6.12 -19.38
C LEU A 213 1.29 6.01 -18.75
N CYS A 214 1.43 5.64 -17.42
CA CYS A 214 2.76 5.47 -16.75
C CYS A 214 3.01 4.14 -15.96
N SER A 215 4.20 3.64 -16.04
CA SER A 215 4.57 2.36 -15.48
C SER A 215 6.04 2.28 -15.21
N PRO A 216 6.61 1.68 -14.15
CA PRO A 216 7.94 1.09 -14.18
C PRO A 216 8.11 -0.09 -15.08
N GLY A 217 8.81 0.08 -16.20
CA GLY A 217 8.99 -0.91 -17.25
C GLY A 217 8.30 -0.59 -18.53
N PHE A 218 8.41 -1.56 -19.47
CA PHE A 218 7.66 -1.40 -20.75
C PHE A 218 6.14 -1.46 -20.67
N TYR A 219 5.53 -1.70 -19.55
CA TYR A 219 4.13 -2.06 -19.27
C TYR A 219 3.12 -0.98 -19.80
N ALA A 220 3.39 0.34 -19.65
CA ALA A 220 2.75 1.55 -20.10
C ALA A 220 2.80 1.63 -21.65
N LYS A 221 3.93 1.46 -22.30
CA LYS A 221 4.09 1.33 -23.70
C LYS A 221 3.31 0.19 -24.29
N ILE A 222 3.33 -1.03 -23.64
CA ILE A 222 2.57 -2.17 -24.02
C ILE A 222 1.00 -1.90 -24.00
N LEU A 223 0.52 -1.27 -22.90
CA LEU A 223 -0.82 -0.89 -22.65
C LEU A 223 -1.38 0.13 -23.62
N MET A 224 -0.53 1.08 -24.10
CA MET A 224 -0.84 2.00 -25.13
C MET A 224 -1.06 1.30 -26.44
N ASP A 225 -0.28 0.30 -26.87
CA ASP A 225 -0.60 -0.37 -28.15
C ASP A 225 -1.77 -1.35 -27.97
N LYS A 226 -1.83 -2.12 -26.89
CA LYS A 226 -3.06 -2.76 -26.50
C LYS A 226 -4.34 -1.93 -26.46
N ILE A 227 -4.32 -0.67 -25.99
CA ILE A 227 -5.44 0.27 -26.03
C ILE A 227 -5.86 0.51 -27.48
N PHE A 228 -4.92 0.98 -28.31
CA PHE A 228 -5.22 1.17 -29.66
C PHE A 228 -5.45 -0.02 -30.57
N GLN A 229 -5.02 -1.28 -30.18
CA GLN A 229 -5.38 -2.47 -30.95
C GLN A 229 -6.80 -2.69 -30.84
N TYR A 230 -7.29 -2.79 -29.61
CA TYR A 230 -8.63 -3.05 -29.35
C TYR A 230 -9.50 -1.85 -29.86
N ALA A 231 -9.05 -0.61 -29.94
CA ALA A 231 -9.83 0.37 -30.63
C ALA A 231 -10.15 0.11 -32.08
N GLU A 232 -9.16 -0.36 -32.83
CA GLU A 232 -9.20 -0.59 -34.25
C GLU A 232 -9.97 -1.85 -34.57
N GLU A 233 -10.11 -2.79 -33.55
CA GLU A 233 -11.05 -3.99 -33.44
C GLU A 233 -12.53 -3.52 -33.29
N GLU A 234 -12.89 -2.53 -32.36
CA GLU A 234 -14.17 -1.99 -32.17
C GLU A 234 -14.61 -0.88 -33.04
N HIS A 235 -13.64 -0.38 -33.85
CA HIS A 235 -13.69 0.76 -34.61
C HIS A 235 -14.15 1.95 -33.81
N ASN A 236 -13.51 2.11 -32.59
CA ASN A 236 -13.90 3.07 -31.55
C ASN A 236 -13.29 4.46 -31.81
N LYS A 237 -13.83 5.15 -32.80
CA LYS A 237 -13.39 6.50 -33.01
C LYS A 237 -13.59 7.55 -31.93
N LYS A 238 -14.17 7.23 -30.75
CA LYS A 238 -14.01 8.13 -29.60
C LYS A 238 -12.58 8.14 -29.06
N ILE A 239 -11.83 7.01 -29.27
CA ILE A 239 -10.42 6.92 -28.95
C ILE A 239 -9.55 7.08 -30.16
N LEU A 240 -9.83 6.59 -31.40
CA LEU A 240 -8.93 6.65 -32.55
C LEU A 240 -8.79 8.01 -33.16
N ASP A 241 -9.74 8.91 -32.99
CA ASP A 241 -9.63 10.27 -33.49
C ASP A 241 -8.61 11.03 -32.63
N ASN A 242 -8.62 10.65 -31.35
CA ASN A 242 -7.82 11.37 -30.34
C ASN A 242 -6.61 10.56 -30.07
N LYS A 243 -5.77 10.26 -31.07
CA LYS A 243 -4.45 9.57 -30.89
C LYS A 243 -3.40 10.47 -30.34
N GLY A 244 -3.74 11.76 -30.29
CA GLY A 244 -2.91 12.84 -29.79
C GLY A 244 -3.36 13.39 -28.47
N MET A 245 -4.21 12.60 -27.73
CA MET A 245 -4.38 13.04 -26.29
C MET A 245 -3.58 12.13 -25.45
N PHE A 246 -2.93 11.06 -25.91
CA PHE A 246 -2.28 10.09 -25.04
C PHE A 246 -0.81 10.49 -24.77
N PHE A 247 -0.23 10.38 -23.53
CA PHE A 247 1.17 10.63 -23.36
C PHE A 247 1.70 9.60 -22.43
N ILE A 248 2.76 8.86 -22.85
CA ILE A 248 3.23 7.62 -22.26
C ILE A 248 4.38 8.12 -21.42
N ALA A 249 4.47 7.72 -20.14
CA ALA A 249 5.53 8.19 -19.22
C ALA A 249 6.11 7.02 -18.35
N HIS A 250 7.29 7.20 -17.78
CA HIS A 250 7.89 6.27 -16.83
C HIS A 250 7.79 6.86 -15.40
N CYS A 251 7.57 6.07 -14.42
CA CYS A 251 7.55 6.43 -13.00
C CYS A 251 8.21 5.29 -12.27
N SER A 252 8.78 5.48 -11.07
CA SER A 252 9.41 4.47 -10.25
C SER A 252 8.49 3.33 -9.78
N THR A 253 7.27 3.73 -9.21
CA THR A 253 6.38 2.72 -8.83
C THR A 253 5.11 2.84 -9.63
N GLY A 254 4.48 1.72 -10.00
CA GLY A 254 3.21 1.68 -10.66
C GLY A 254 1.99 1.81 -9.78
N TYR A 255 2.11 2.42 -8.60
CA TYR A 255 1.05 2.70 -7.68
C TYR A 255 0.67 4.10 -7.96
N LEU A 256 -0.19 4.79 -7.15
CA LEU A 256 -0.68 6.13 -7.33
C LEU A 256 0.46 7.17 -7.38
N GLN A 257 1.60 6.88 -6.73
CA GLN A 257 2.77 7.72 -6.53
C GLN A 257 3.18 8.34 -7.87
N GLY A 258 3.28 7.44 -8.87
CA GLY A 258 3.66 7.63 -10.29
C GLY A 258 2.96 8.83 -10.88
N ILE A 259 1.69 8.98 -10.66
CA ILE A 259 1.07 10.32 -10.97
C ILE A 259 1.72 11.65 -10.55
N ASN A 260 2.28 11.69 -9.35
CA ASN A 260 2.94 12.93 -8.86
C ASN A 260 4.37 12.89 -9.36
N GLU A 261 4.90 11.69 -9.70
CA GLU A 261 6.19 11.66 -10.37
C GLU A 261 6.10 12.27 -11.80
N VAL A 262 5.01 11.94 -12.57
CA VAL A 262 4.95 12.42 -13.90
C VAL A 262 4.52 13.88 -13.89
N LEU A 263 3.24 14.21 -13.45
CA LEU A 263 2.77 15.63 -13.36
C LEU A 263 3.68 16.66 -12.81
N LYS A 264 4.35 16.46 -11.61
CA LYS A 264 5.10 17.56 -11.08
C LYS A 264 6.54 17.61 -11.56
N ASN A 265 7.07 16.48 -12.09
CA ASN A 265 8.42 16.34 -12.65
C ASN A 265 8.54 16.85 -14.10
N PRO A 266 9.47 17.72 -14.48
CA PRO A 266 9.48 18.40 -15.82
C PRO A 266 9.79 17.47 -17.03
N LEU A 267 9.33 16.22 -17.00
CA LEU A 267 9.69 15.06 -17.84
C LEU A 267 8.65 15.12 -18.94
N TYR A 268 7.34 14.85 -18.52
CA TYR A 268 6.21 15.13 -19.33
C TYR A 268 5.88 16.53 -19.02
N ALA A 269 4.89 16.78 -18.22
CA ALA A 269 4.21 18.05 -18.45
C ALA A 269 4.96 19.26 -18.00
N SER A 270 4.92 20.23 -18.95
CA SER A 270 5.58 21.48 -18.92
C SER A 270 4.50 22.55 -18.77
N LYS A 271 4.23 23.06 -19.95
CA LYS A 271 3.27 24.05 -20.14
C LYS A 271 2.52 23.57 -21.44
N LEU A 272 1.80 22.44 -21.32
CA LEU A 272 1.09 21.78 -22.47
C LEU A 272 -0.38 22.02 -22.25
N GLN A 273 -0.99 21.38 -21.22
CA GLN A 273 -2.31 21.66 -20.86
C GLN A 273 -2.45 22.20 -19.50
N ASP A 274 -1.34 22.79 -19.04
CA ASP A 274 -1.29 23.12 -17.66
C ASP A 274 -1.84 24.49 -17.39
N THR A 275 -2.87 24.63 -16.50
CA THR A 275 -3.60 25.94 -16.34
C THR A 275 -4.04 26.04 -14.93
N LYS A 276 -4.97 25.14 -14.49
CA LYS A 276 -5.10 24.92 -13.14
C LYS A 276 -3.89 24.07 -12.54
N TYR A 277 -3.11 23.34 -13.31
CA TYR A 277 -1.97 22.62 -12.74
C TYR A 277 -0.74 23.42 -12.71
N SER A 278 -0.76 24.55 -13.32
CA SER A 278 0.44 25.44 -13.36
C SER A 278 0.81 26.00 -11.90
N LYS A 279 2.03 26.49 -11.73
CA LYS A 279 2.56 27.02 -10.49
C LYS A 279 2.64 26.02 -9.30
N GLU A 280 1.46 25.48 -8.93
CA GLU A 280 1.23 24.69 -7.83
C GLU A 280 2.12 23.38 -7.80
N ILE A 281 2.34 22.72 -8.94
CA ILE A 281 3.29 21.69 -9.25
C ILE A 281 4.79 22.04 -9.05
N MET A 282 5.14 23.27 -9.46
CA MET A 282 6.53 23.71 -9.37
C MET A 282 6.96 24.04 -7.91
N VAL A 283 6.02 24.68 -7.23
CA VAL A 283 6.30 25.23 -5.91
C VAL A 283 6.50 24.18 -4.79
N MET A 284 5.60 23.15 -4.79
CA MET A 284 5.57 21.82 -4.15
C MET A 284 6.71 20.93 -4.59
N ASP A 285 7.25 21.16 -5.83
CA ASP A 285 8.51 20.55 -6.37
C ASP A 285 9.72 20.99 -5.57
N GLU A 286 10.03 22.30 -5.67
CA GLU A 286 11.05 23.07 -5.07
C GLU A 286 11.12 23.01 -3.59
N PHE A 287 9.94 22.99 -2.93
CA PHE A 287 9.66 22.73 -1.52
C PHE A 287 10.28 21.48 -1.06
N LEU A 288 10.09 20.38 -1.88
CA LEU A 288 10.73 19.07 -1.58
C LEU A 288 12.18 18.96 -2.02
N LEU A 289 12.58 19.62 -3.15
CA LEU A 289 14.06 19.85 -3.41
C LEU A 289 14.74 20.42 -2.18
N HIS A 290 14.19 21.53 -1.65
CA HIS A 290 14.85 22.27 -0.58
C HIS A 290 14.92 21.64 0.75
N LEU A 291 13.81 21.02 1.18
CA LEU A 291 13.68 20.47 2.57
C LEU A 291 14.42 19.23 2.79
N ASN A 292 14.45 18.67 1.61
CA ASN A 292 14.88 17.35 1.50
C ASN A 292 16.38 17.38 1.13
N LYS A 293 16.98 18.49 0.69
CA LYS A 293 18.43 18.47 0.51
C LYS A 293 19.14 18.92 1.73
N ASP A 294 18.41 18.80 2.86
CA ASP A 294 18.70 19.12 4.22
C ASP A 294 19.43 20.43 4.34
N ASP A 295 18.79 21.41 3.67
CA ASP A 295 19.31 22.75 3.62
C ASP A 295 18.62 23.77 4.52
N ASP A 296 17.56 23.31 5.29
CA ASP A 296 16.87 24.22 6.19
C ASP A 296 16.08 25.31 5.58
N LYS A 297 15.91 25.32 4.26
CA LYS A 297 15.14 26.33 3.50
C LYS A 297 13.66 25.88 3.19
N ALA A 298 13.30 24.66 3.51
CA ALA A 298 11.87 24.26 3.45
C ALA A 298 11.43 23.66 4.81
N TRP A 299 10.23 24.04 5.29
CA TRP A 299 9.81 23.83 6.67
C TRP A 299 8.33 23.52 6.54
N TYR A 300 7.71 22.98 7.63
CA TYR A 300 6.36 22.37 7.66
C TYR A 300 6.01 22.64 9.10
N GLY A 301 4.73 22.74 9.48
CA GLY A 301 4.44 22.56 10.86
C GLY A 301 4.01 23.93 11.37
N GLU A 302 3.00 23.99 12.22
CA GLU A 302 2.56 25.33 12.73
C GLU A 302 3.64 26.16 13.45
N LYS A 303 4.45 25.51 14.31
CA LYS A 303 5.45 26.21 15.08
C LYS A 303 6.56 26.91 14.26
N GLU A 304 7.24 26.11 13.41
CA GLU A 304 8.38 26.32 12.60
C GLU A 304 8.04 27.33 11.54
N VAL A 305 6.78 27.27 10.99
CA VAL A 305 6.25 28.20 10.02
C VAL A 305 5.92 29.53 10.70
N VAL A 306 5.49 29.50 12.00
CA VAL A 306 5.32 30.80 12.68
C VAL A 306 6.60 31.46 12.97
N LYS A 307 7.66 30.66 13.22
CA LYS A 307 9.11 30.98 13.55
C LYS A 307 9.81 31.49 12.38
N ALA A 308 9.67 30.80 11.25
CA ALA A 308 10.18 31.31 10.01
C ALA A 308 9.51 32.67 9.59
N ALA A 309 8.33 32.96 10.07
CA ALA A 309 7.68 34.27 9.98
C ALA A 309 8.18 35.37 10.89
N GLU A 310 8.65 35.08 12.13
CA GLU A 310 9.39 36.09 12.96
C GLU A 310 10.73 36.67 12.38
N TYR A 311 11.48 35.84 11.59
CA TYR A 311 12.69 36.28 10.88
C TYR A 311 12.42 36.94 9.54
N GLY A 312 11.15 36.85 9.10
CA GLY A 312 10.66 37.41 7.84
C GLY A 312 11.15 36.62 6.68
N ALA A 313 11.66 35.42 6.93
CA ALA A 313 12.44 34.57 6.02
C ALA A 313 11.65 33.79 4.97
N ILE A 314 10.26 33.76 5.11
CA ILE A 314 9.41 33.04 4.18
C ILE A 314 9.36 33.54 2.75
N SER A 315 9.71 32.79 1.66
CA SER A 315 9.51 33.20 0.25
C SER A 315 8.16 32.68 -0.22
N TYR A 316 7.72 31.48 0.25
CA TYR A 316 6.38 31.04 -0.30
C TYR A 316 5.66 30.32 0.83
N LEU A 317 4.54 30.79 1.33
CA LEU A 317 3.82 30.21 2.48
C LEU A 317 2.87 29.24 1.88
N LEU A 318 2.78 28.01 2.40
CA LEU A 318 1.95 26.99 1.82
C LEU A 318 0.85 26.62 2.80
N LEU A 319 -0.44 26.74 2.40
CA LEU A 319 -1.59 26.37 3.23
C LEU A 319 -2.54 25.46 2.46
N THR A 320 -3.47 24.76 3.13
CA THR A 320 -4.46 23.93 2.45
C THR A 320 -5.90 24.28 2.76
N ASP A 321 -6.77 24.11 1.77
CA ASP A 321 -8.19 24.03 2.00
C ASP A 321 -8.66 22.68 2.65
N LYS A 322 -7.89 21.52 2.64
CA LYS A 322 -8.28 20.39 3.42
C LYS A 322 -8.32 20.61 4.99
N VAL A 323 -7.32 21.28 5.57
CA VAL A 323 -7.24 21.63 7.00
C VAL A 323 -8.25 22.74 7.33
N LEU A 324 -8.53 23.56 6.32
CA LEU A 324 -9.47 24.67 6.47
C LEU A 324 -10.91 24.16 6.62
N HIS A 325 -11.41 23.51 5.60
CA HIS A 325 -12.78 23.02 5.57
C HIS A 325 -12.89 21.63 6.18
N SER A 326 -11.75 21.08 6.58
CA SER A 326 -11.72 19.75 7.19
C SER A 326 -12.58 19.70 8.45
N ASP A 327 -12.98 20.87 8.93
CA ASP A 327 -13.80 20.96 10.14
C ASP A 327 -13.14 21.84 11.19
N ASN A 328 -13.68 23.08 11.45
CA ASN A 328 -13.27 24.08 12.45
C ASN A 328 -13.24 25.51 11.88
N ILE A 329 -13.44 26.52 12.74
CA ILE A 329 -13.44 27.93 12.36
C ILE A 329 -12.35 28.73 13.07
N ALA A 330 -12.11 28.55 14.38
CA ALA A 330 -11.27 29.46 15.15
C ALA A 330 -9.78 29.48 14.79
N GLN A 331 -9.16 28.30 14.70
CA GLN A 331 -7.91 27.83 14.18
C GLN A 331 -7.48 28.49 12.95
N ARG A 332 -8.48 28.95 12.07
CA ARG A 332 -7.96 29.75 10.90
C ARG A 332 -7.71 31.22 11.20
N GLU A 333 -8.08 31.76 12.40
CA GLU A 333 -7.71 33.10 12.80
C GLU A 333 -6.19 33.31 12.94
N GLU A 334 -5.64 32.37 13.68
CA GLU A 334 -4.15 32.17 13.79
C GLU A 334 -3.43 32.04 12.45
N TYR A 335 -3.84 31.10 11.61
CA TYR A 335 -3.23 30.79 10.29
C TYR A 335 -3.26 31.95 9.32
N LEU A 336 -4.28 32.84 9.45
CA LEU A 336 -4.15 34.11 8.72
C LEU A 336 -3.07 35.04 9.28
N LYS A 337 -3.02 35.26 10.65
CA LYS A 337 -2.03 36.05 11.39
C LYS A 337 -0.64 35.62 10.99
N LEU A 338 -0.37 34.31 11.15
CA LEU A 338 0.78 33.62 10.74
C LEU A 338 1.35 33.84 9.34
N MET A 339 0.48 34.11 8.34
CA MET A 339 0.88 34.48 7.01
C MET A 339 1.44 35.94 6.96
N ASP A 340 0.68 36.88 7.62
CA ASP A 340 0.98 38.29 7.71
C ASP A 340 2.29 38.47 8.55
N SER A 341 2.38 38.06 9.86
CA SER A 341 3.62 37.87 10.68
C SER A 341 4.83 37.42 9.90
N VAL A 342 4.80 36.28 9.03
CA VAL A 342 5.95 35.73 8.21
C VAL A 342 6.30 36.71 7.07
N GLU A 343 5.31 37.42 6.49
CA GLU A 343 5.49 38.28 5.30
C GLU A 343 6.01 39.60 5.76
N SER A 344 5.49 40.16 6.86
CA SER A 344 5.98 41.21 7.75
C SER A 344 7.41 40.88 8.38
N ASN A 345 7.89 39.69 8.02
CA ASN A 345 9.25 39.25 8.30
C ASN A 345 9.84 38.67 7.01
N GLY A 346 8.86 38.31 6.07
CA GLY A 346 8.87 37.85 4.61
C GLY A 346 7.91 36.83 3.77
N GLY A 347 7.41 37.09 2.48
CA GLY A 347 6.68 36.13 1.51
C GLY A 347 5.28 36.18 0.68
N LYS A 348 5.02 35.48 -0.51
CA LYS A 348 3.68 35.45 -1.11
C LYS A 348 2.82 34.43 -0.37
N ALA A 349 2.02 33.65 -1.10
CA ALA A 349 1.26 32.62 -0.44
C ALA A 349 0.56 31.77 -1.44
N LEU A 350 0.25 30.54 -1.06
CA LEU A 350 -0.31 29.57 -1.94
C LEU A 350 -1.24 28.62 -1.22
N VAL A 351 -2.52 28.74 -1.52
CA VAL A 351 -3.46 27.81 -0.91
C VAL A 351 -3.82 26.60 -1.78
N LEU A 352 -3.60 25.39 -1.29
CA LEU A 352 -3.89 24.24 -2.12
C LEU A 352 -5.32 23.80 -1.86
N SER A 353 -6.20 23.80 -2.90
CA SER A 353 -7.48 23.08 -2.94
C SER A 353 -7.26 21.57 -2.73
N THR A 354 -8.25 20.70 -2.48
CA THR A 354 -7.88 19.80 -1.37
C THR A 354 -8.52 18.52 -1.06
N LEU A 355 -9.36 18.03 -1.94
CA LEU A 355 -9.01 16.72 -2.37
C LEU A 355 -7.96 16.97 -3.45
N HIS A 356 -6.67 17.47 -3.25
CA HIS A 356 -5.78 17.26 -4.37
C HIS A 356 -4.61 16.52 -3.90
N SER A 357 -3.95 15.87 -4.82
CA SER A 357 -2.71 15.22 -4.55
C SER A 357 -1.65 16.14 -3.79
N LEU A 358 -1.45 17.35 -4.35
CA LEU A 358 -0.69 18.43 -3.82
C LEU A 358 -1.19 19.02 -2.54
N GLY A 359 -2.49 19.28 -2.40
CA GLY A 359 -3.07 19.58 -1.16
C GLY A 359 -3.02 18.44 -0.15
N GLU A 360 -3.10 17.15 -0.50
CA GLU A 360 -3.02 15.95 0.36
C GLU A 360 -1.60 15.80 0.86
N GLU A 361 -0.65 16.24 0.01
CA GLU A 361 0.75 16.11 0.24
C GLU A 361 1.12 17.14 1.33
N LEU A 362 0.68 18.40 1.11
CA LEU A 362 0.69 19.36 2.18
C LEU A 362 -0.22 19.06 3.40
N ASP A 363 -1.35 18.32 3.27
CA ASP A 363 -2.20 17.79 4.36
C ASP A 363 -1.49 16.75 5.28
N GLN A 364 -0.82 15.76 4.65
CA GLN A 364 0.18 14.99 5.21
C GLN A 364 1.41 15.71 5.87
N LEU A 365 1.42 17.05 5.82
CA LEU A 365 2.36 17.94 6.48
C LEU A 365 1.68 18.95 7.41
N THR A 366 0.38 18.69 7.85
CA THR A 366 -0.45 19.43 8.77
C THR A 366 -1.16 20.64 8.10
N GLY A 367 -1.19 20.67 6.79
CA GLY A 367 -1.78 21.76 6.03
C GLY A 367 -1.11 23.14 6.07
N ILE A 368 0.19 23.10 6.49
CA ILE A 368 1.01 24.26 6.69
C ILE A 368 2.45 24.00 6.49
N ALA A 369 3.13 24.80 5.70
CA ALA A 369 4.50 24.61 5.44
C ALA A 369 5.06 25.92 4.84
N CYS A 370 6.35 26.03 4.64
CA CYS A 370 6.95 27.20 3.98
C CYS A 370 8.28 26.86 3.25
N ILE A 371 8.61 27.72 2.32
CA ILE A 371 9.84 27.83 1.60
C ILE A 371 10.42 29.18 1.99
N LEU A 372 11.69 29.19 2.29
CA LEU A 372 12.43 30.31 2.78
C LEU A 372 13.30 31.05 1.69
N LYS A 373 13.75 32.28 2.07
CA LYS A 373 14.59 33.15 1.27
C LYS A 373 16.10 32.80 1.61
N TYR A 374 16.31 32.23 2.89
CA TYR A 374 17.60 31.97 3.42
C TYR A 374 17.49 30.69 4.27
N PRO A 375 18.63 30.03 4.49
CA PRO A 375 18.76 28.99 5.54
C PRO A 375 18.47 29.49 7.01
N LEU A 376 17.51 28.91 7.73
CA LEU A 376 17.37 29.06 9.12
C LEU A 376 17.64 27.67 9.74
N PRO A 377 18.81 27.11 9.92
CA PRO A 377 19.12 26.00 10.88
C PRO A 377 18.51 26.11 12.23
N ASP A 378 18.09 24.89 12.77
CA ASP A 378 17.40 24.56 14.00
C ASP A 378 16.12 25.51 14.22
N LEU A 379 15.05 25.54 13.38
CA LEU A 379 13.82 26.22 13.80
C LEU A 379 13.02 25.30 14.73
N ASP A 380 13.49 24.04 14.91
CA ASP A 380 12.86 22.92 15.65
C ASP A 380 13.56 22.71 16.91
N GLU A 381 14.30 23.70 17.51
CA GLU A 381 14.84 23.59 18.90
C GLU A 381 14.88 24.98 19.49
N ASP A 382 14.49 25.21 20.73
CA ASP A 382 13.83 26.43 21.20
C ASP A 382 12.39 26.06 21.44
N ASP A 383 11.72 25.58 20.39
CA ASP A 383 10.32 25.21 20.40
C ASP A 383 10.12 23.67 20.74
N GLY A 384 11.16 22.86 20.59
CA GLY A 384 11.24 21.55 21.32
C GLY A 384 11.30 20.29 20.53
N GLU A 385 10.82 20.27 19.29
CA GLU A 385 10.70 18.97 18.57
C GLU A 385 11.70 18.70 17.43
N GLU A 386 11.22 18.00 16.39
CA GLU A 386 11.87 18.04 15.03
C GLU A 386 10.82 18.81 14.08
N GLY B 20 -64.28 -14.30 32.92
CA GLY B 20 -65.03 -14.13 34.22
C GLY B 20 -64.48 -15.04 35.29
N GLU B 21 -64.17 -14.35 36.42
CA GLU B 21 -63.02 -14.75 37.18
C GLU B 21 -63.09 -14.15 38.56
N PHE B 22 -62.25 -13.15 38.90
CA PHE B 22 -61.76 -12.98 40.23
C PHE B 22 -62.33 -11.66 40.82
N ASP B 23 -62.99 -11.69 41.97
CA ASP B 23 -63.90 -10.73 42.42
C ASP B 23 -63.12 -9.99 43.53
N ASP B 24 -62.63 -8.78 43.07
CA ASP B 24 -61.71 -7.82 43.75
C ASP B 24 -62.34 -6.49 43.97
N TYR B 25 -63.71 -6.52 43.88
CA TYR B 25 -64.58 -5.57 44.50
C TYR B 25 -64.53 -5.75 46.02
N LEU B 26 -65.62 -5.43 46.69
CA LEU B 26 -65.81 -5.46 48.10
C LEU B 26 -65.01 -4.35 48.76
N ASN B 27 -63.66 -4.37 48.58
CA ASN B 27 -62.67 -3.36 48.55
C ASN B 27 -63.11 -1.98 48.98
N ASP B 28 -63.12 -1.77 50.36
CA ASP B 28 -63.54 -0.49 50.88
C ASP B 28 -65.04 -0.16 50.92
N ASP B 29 -65.79 -0.28 49.83
CA ASP B 29 -67.24 -0.25 49.74
C ASP B 29 -67.92 -1.01 50.85
N GLU B 30 -67.50 -2.32 51.06
CA GLU B 30 -68.07 -3.20 52.13
C GLU B 30 -67.85 -2.70 53.51
N TYR B 31 -66.72 -1.98 53.78
CA TYR B 31 -66.45 -1.59 55.13
C TYR B 31 -67.60 -0.73 55.69
N GLU B 32 -68.12 0.26 55.02
CA GLU B 32 -69.28 1.06 55.42
C GLU B 32 -70.62 0.31 55.28
N LEU B 33 -70.76 -0.61 54.29
CA LEU B 33 -71.90 -1.50 54.19
C LEU B 33 -72.08 -2.41 55.41
N MET B 34 -70.97 -2.95 55.98
CA MET B 34 -70.98 -3.80 57.17
C MET B 34 -70.79 -2.99 58.44
N ASN B 35 -70.02 -1.94 58.48
CA ASN B 35 -69.76 -1.08 59.61
C ASN B 35 -68.74 -1.47 60.69
N GLU B 36 -67.60 -2.03 60.29
CA GLU B 36 -66.55 -2.17 61.27
C GLU B 36 -65.48 -1.06 61.21
N VAL B 37 -65.66 0.15 60.59
CA VAL B 37 -64.47 1.00 60.36
C VAL B 37 -63.13 0.40 59.72
N PHE B 38 -62.28 -0.42 60.39
CA PHE B 38 -60.98 -0.94 59.93
C PHE B 38 -59.73 -0.22 60.36
N PRO B 39 -59.65 0.90 61.01
CA PRO B 39 -58.35 1.39 61.31
C PRO B 39 -58.12 1.02 62.78
N THR B 40 -57.79 -0.24 63.10
CA THR B 40 -58.11 -0.77 64.43
C THR B 40 -57.37 -2.11 64.65
N LEU B 41 -57.86 -3.32 64.38
CA LEU B 41 -57.29 -4.62 64.22
C LEU B 41 -55.81 -4.61 63.63
N LYS B 42 -55.65 -3.80 62.53
CA LYS B 42 -54.50 -3.32 61.77
C LYS B 42 -53.16 -3.46 62.53
N ALA B 43 -52.70 -2.33 63.16
CA ALA B 43 -51.71 -2.28 64.26
C ALA B 43 -51.63 -3.46 65.20
N GLN B 44 -52.70 -3.74 65.96
CA GLN B 44 -52.79 -4.85 66.87
C GLN B 44 -52.14 -6.22 66.46
N LEU B 45 -52.92 -7.04 65.70
CA LEU B 45 -52.43 -8.24 64.98
C LEU B 45 -51.08 -8.20 64.34
N GLN B 46 -50.83 -7.30 63.37
CA GLN B 46 -49.57 -7.01 62.70
C GLN B 46 -48.37 -7.30 63.54
N ASP B 47 -47.99 -6.37 64.34
CA ASP B 47 -47.04 -6.27 65.49
C ASP B 47 -46.98 -7.52 66.35
N TYR B 48 -48.00 -7.80 67.24
CA TYR B 48 -48.41 -9.18 67.84
C TYR B 48 -47.74 -10.37 67.18
N GLN B 49 -48.15 -10.63 65.93
CA GLN B 49 -47.95 -11.73 65.02
C GLN B 49 -46.61 -11.66 64.31
N GLY B 50 -46.53 -10.91 63.23
CA GLY B 50 -45.21 -10.49 62.62
C GLY B 50 -45.05 -11.07 61.28
N TRP B 51 -45.92 -10.70 60.31
CA TRP B 51 -45.91 -11.24 59.00
C TRP B 51 -45.76 -10.20 57.94
N ASP B 52 -46.92 -9.58 57.59
CA ASP B 52 -47.02 -8.74 56.44
C ASP B 52 -48.36 -8.08 56.52
N ASN B 53 -48.55 -7.07 55.72
CA ASN B 53 -49.88 -6.51 55.34
C ASN B 53 -50.68 -7.30 54.28
N LEU B 54 -51.55 -6.67 53.49
CA LEU B 54 -52.34 -7.30 52.36
C LEU B 54 -53.18 -8.62 52.64
N SER B 55 -52.69 -9.56 53.42
CA SER B 55 -53.39 -10.69 53.92
C SER B 55 -54.56 -10.33 54.82
N LEU B 56 -54.34 -9.35 55.72
CA LEU B 56 -55.35 -9.01 56.63
C LEU B 56 -56.60 -8.40 56.00
N LYS B 57 -56.44 -7.49 55.01
CA LYS B 57 -57.50 -6.92 54.20
C LYS B 57 -58.27 -8.01 53.37
N LEU B 58 -57.58 -8.98 52.77
CA LEU B 58 -58.18 -10.05 52.02
C LEU B 58 -59.00 -10.96 52.95
N ALA B 59 -58.32 -11.37 54.07
CA ALA B 59 -58.97 -12.24 55.03
C ALA B 59 -60.24 -11.69 55.68
N LEU B 60 -60.21 -10.42 56.03
CA LEU B 60 -61.38 -9.70 56.51
C LEU B 60 -62.45 -9.60 55.43
N PHE B 61 -62.23 -9.36 54.14
CA PHE B 61 -63.22 -9.57 53.12
C PHE B 61 -63.71 -11.07 52.94
N ASP B 62 -62.81 -12.04 52.87
CA ASP B 62 -63.10 -13.50 52.62
C ASP B 62 -63.87 -14.22 53.75
N ASN B 63 -63.70 -13.86 55.03
CA ASN B 63 -64.62 -14.16 56.10
C ASN B 63 -65.45 -12.93 56.46
N ASN B 64 -65.75 -12.02 55.52
CA ASN B 64 -66.58 -10.78 55.70
C ASN B 64 -66.60 -10.12 57.10
N PHE B 65 -65.49 -9.62 57.71
CA PHE B 65 -65.54 -8.77 58.93
C PHE B 65 -65.69 -9.61 60.24
N ASP B 66 -65.34 -10.95 60.16
CA ASP B 66 -65.20 -11.98 61.14
C ASP B 66 -64.51 -11.55 62.48
N LEU B 67 -63.14 -11.57 62.45
CA LEU B 67 -62.16 -11.30 63.51
C LEU B 67 -61.62 -12.53 64.25
N GLU B 68 -62.20 -13.70 64.17
CA GLU B 68 -61.55 -14.95 64.57
C GLU B 68 -60.94 -15.79 63.51
N SER B 69 -61.74 -16.27 62.58
CA SER B 69 -61.41 -17.21 61.54
C SER B 69 -60.33 -16.67 60.65
N THR B 70 -60.34 -15.37 60.34
CA THR B 70 -59.20 -14.68 59.76
C THR B 70 -57.92 -14.63 60.61
N LEU B 71 -58.01 -14.36 61.90
CA LEU B 71 -56.93 -14.48 62.89
C LEU B 71 -56.47 -15.93 63.00
N ALA B 72 -57.32 -16.98 63.03
CA ALA B 72 -56.94 -18.37 62.98
C ALA B 72 -56.15 -18.67 61.80
N GLU B 73 -56.59 -18.17 60.66
CA GLU B 73 -55.81 -18.27 59.47
C GLU B 73 -54.50 -17.60 59.67
N LEU B 74 -54.44 -16.37 60.25
CA LEU B 74 -53.24 -15.65 60.50
C LEU B 74 -52.24 -16.43 61.40
N LYS B 75 -52.66 -17.12 62.51
CA LYS B 75 -51.88 -17.91 63.46
C LYS B 75 -51.27 -19.03 62.70
N LYS B 76 -52.01 -19.69 61.81
CA LYS B 76 -51.58 -20.61 60.77
C LYS B 76 -50.56 -20.03 59.82
N THR B 77 -50.65 -18.76 59.32
CA THR B 77 -50.25 -18.27 58.02
C THR B 77 -48.81 -18.43 57.60
N LEU B 78 -47.75 -18.16 58.42
CA LEU B 78 -46.37 -17.90 58.02
C LEU B 78 -45.85 -19.10 57.18
N LYS B 79 -46.13 -20.30 57.74
CA LYS B 79 -46.16 -21.71 57.32
C LYS B 79 -45.93 -22.50 56.03
N LYS B 80 -45.69 -22.18 54.70
CA LYS B 80 -44.79 -21.66 53.75
C LYS B 80 -43.41 -21.15 53.96
N LYS B 81 -42.84 -21.13 55.15
CA LYS B 81 -41.83 -20.28 55.64
C LYS B 81 -41.07 -19.06 54.96
N LYS B 82 -41.49 -18.54 53.76
CA LYS B 82 -41.29 -17.10 53.51
C LYS B 82 -42.44 -16.31 52.88
N THR B 83 -42.87 -15.38 53.75
CA THR B 83 -43.83 -14.33 53.89
C THR B 83 -44.93 -13.78 52.96
N PRO B 84 -45.45 -13.95 51.77
CA PRO B 84 -45.79 -15.15 51.04
C PRO B 84 -45.59 -16.57 51.53
N VAL B 161 16.81 -39.13 12.82
CA VAL B 161 16.63 -38.92 11.35
C VAL B 161 17.74 -38.85 10.30
N LYS B 162 17.39 -38.65 9.05
CA LYS B 162 18.07 -38.64 7.77
C LYS B 162 18.14 -37.26 7.16
N SER B 163 19.33 -36.90 6.72
CA SER B 163 19.88 -35.63 6.33
C SER B 163 19.95 -35.62 4.84
N ALA B 164 19.41 -34.55 4.26
CA ALA B 164 19.45 -34.35 2.84
C ALA B 164 20.47 -33.28 2.73
N LEU B 165 21.44 -33.52 1.77
CA LEU B 165 22.67 -32.78 1.50
C LEU B 165 22.45 -31.68 0.45
N PRO B 166 22.94 -30.39 0.45
CA PRO B 166 22.45 -29.50 -0.54
C PRO B 166 23.50 -29.70 -1.67
N HIS B 167 23.31 -29.21 -2.89
CA HIS B 167 22.06 -28.69 -3.35
C HIS B 167 21.89 -27.16 -3.35
N LEU B 168 23.00 -26.50 -3.19
CA LEU B 168 23.40 -25.09 -2.92
C LEU B 168 22.65 -24.05 -3.79
N SER B 169 22.00 -23.08 -3.15
CA SER B 169 21.39 -21.91 -3.78
C SER B 169 22.24 -20.68 -4.10
N PHE B 170 22.07 -20.09 -5.31
CA PHE B 170 22.67 -18.83 -5.57
C PHE B 170 21.70 -17.89 -6.32
N VAL B 171 21.96 -16.60 -6.10
CA VAL B 171 21.25 -15.53 -6.69
C VAL B 171 22.31 -14.87 -7.53
N VAL B 172 21.91 -14.55 -8.76
CA VAL B 172 22.76 -13.81 -9.66
C VAL B 172 22.32 -12.38 -9.70
N LEU B 173 23.28 -11.49 -9.49
CA LEU B 173 23.17 -10.12 -9.21
C LEU B 173 23.97 -9.43 -10.28
N GLY B 174 23.58 -8.25 -10.58
CA GLY B 174 24.22 -7.54 -11.65
C GLY B 174 23.31 -6.32 -11.96
N HIS B 175 23.90 -5.34 -12.61
CA HIS B 175 23.29 -4.18 -13.15
C HIS B 175 21.98 -4.51 -13.87
N VAL B 176 21.96 -4.62 -15.19
CA VAL B 176 20.81 -5.16 -15.93
C VAL B 176 21.18 -5.40 -17.38
N ASP B 177 22.46 -5.31 -17.68
CA ASP B 177 22.94 -5.16 -19.06
C ASP B 177 24.30 -5.84 -19.22
N ALA B 178 24.78 -6.55 -18.21
CA ALA B 178 26.06 -7.29 -18.29
C ALA B 178 25.86 -8.58 -19.07
N GLY B 179 24.61 -8.86 -19.45
CA GLY B 179 24.22 -10.15 -19.91
C GLY B 179 24.17 -11.24 -18.90
N LYS B 180 23.76 -10.85 -17.64
CA LYS B 180 23.58 -11.78 -16.56
C LYS B 180 22.64 -12.97 -16.95
N SER B 181 21.54 -12.71 -17.64
CA SER B 181 20.66 -13.74 -18.23
C SER B 181 21.36 -14.74 -19.21
N THR B 182 22.18 -14.15 -20.12
CA THR B 182 22.90 -14.95 -21.17
C THR B 182 23.87 -15.94 -20.47
N LEU B 183 24.58 -15.40 -19.47
CA LEU B 183 25.51 -16.15 -18.55
C LEU B 183 24.77 -17.19 -17.65
N MET B 184 23.65 -16.85 -17.01
CA MET B 184 22.86 -17.80 -16.22
C MET B 184 22.22 -18.91 -16.97
N GLY B 185 21.63 -18.67 -18.19
CA GLY B 185 21.19 -19.65 -19.13
C GLY B 185 22.24 -20.63 -19.69
N ARG B 186 23.45 -20.16 -19.91
CA ARG B 186 24.64 -20.99 -20.18
C ARG B 186 25.04 -21.91 -19.04
N LEU B 187 24.94 -21.42 -17.78
CA LEU B 187 25.07 -22.31 -16.64
C LEU B 187 23.95 -23.34 -16.51
N LEU B 188 22.79 -23.05 -17.07
CA LEU B 188 21.59 -23.84 -17.01
C LEU B 188 21.70 -24.93 -18.05
N TYR B 189 22.03 -24.54 -19.29
CA TYR B 189 21.91 -25.24 -20.52
C TYR B 189 21.45 -26.73 -20.40
N ASP B 190 22.41 -27.72 -20.31
CA ASP B 190 22.13 -29.06 -19.84
C ASP B 190 23.25 -29.43 -18.99
N LEU B 191 23.05 -30.05 -17.85
CA LEU B 191 24.06 -30.11 -16.85
C LEU B 191 25.09 -31.30 -17.06
N ASN B 192 25.73 -31.18 -18.21
CA ASN B 192 26.77 -32.19 -18.55
C ASN B 192 27.89 -31.76 -19.49
N ILE B 193 27.69 -31.27 -20.72
CA ILE B 193 26.46 -30.70 -21.26
C ILE B 193 26.27 -31.28 -22.71
N VAL B 194 25.79 -30.44 -23.63
CA VAL B 194 25.20 -30.48 -24.95
C VAL B 194 23.94 -31.32 -24.85
N ASN B 195 23.81 -32.45 -25.55
CA ASN B 195 22.62 -33.36 -25.63
C ASN B 195 21.14 -33.20 -25.11
N GLN B 196 20.28 -32.19 -24.75
CA GLN B 196 20.26 -30.82 -25.15
C GLN B 196 20.10 -30.65 -26.62
N SER B 197 19.64 -31.65 -27.41
CA SER B 197 19.63 -31.43 -28.88
C SER B 197 18.36 -30.72 -29.27
N GLN B 198 17.24 -31.05 -28.56
CA GLN B 198 15.95 -30.38 -28.72
C GLN B 198 15.93 -28.96 -28.20
N LEU B 199 16.26 -28.74 -26.88
CA LEU B 199 16.50 -27.48 -26.32
C LEU B 199 17.45 -26.55 -27.09
N ARG B 200 18.56 -27.08 -27.70
CA ARG B 200 19.34 -26.24 -28.67
C ARG B 200 18.58 -25.81 -29.91
N LYS B 201 17.78 -26.73 -30.44
CA LYS B 201 16.92 -26.36 -31.55
C LYS B 201 15.81 -25.33 -31.10
N LEU B 202 15.13 -25.57 -29.97
CA LEU B 202 14.07 -24.70 -29.47
C LEU B 202 14.42 -23.28 -29.12
N GLN B 203 15.63 -23.11 -28.55
CA GLN B 203 16.29 -21.85 -28.32
C GLN B 203 16.64 -21.08 -29.62
N ARG B 204 17.22 -21.78 -30.60
CA ARG B 204 17.37 -21.39 -32.03
C ARG B 204 16.04 -21.07 -32.80
N GLU B 205 14.90 -21.71 -32.48
CA GLU B 205 13.69 -21.39 -33.06
C GLU B 205 13.19 -20.03 -32.65
N SER B 206 13.14 -19.88 -31.32
CA SER B 206 12.91 -18.61 -30.56
C SER B 206 13.53 -17.37 -31.15
N GLU B 207 12.79 -16.78 -32.07
CA GLU B 207 13.07 -15.78 -33.10
C GLU B 207 14.46 -15.27 -33.39
N THR B 208 15.22 -15.78 -34.42
CA THR B 208 15.04 -16.91 -35.36
C THR B 208 16.16 -17.91 -35.53
N MET B 209 15.88 -18.89 -36.44
CA MET B 209 16.63 -20.03 -36.85
C MET B 209 17.59 -19.58 -37.88
N GLY B 210 17.40 -18.42 -38.45
CA GLY B 210 18.25 -17.82 -39.48
C GLY B 210 18.71 -16.50 -39.06
N LYS B 211 17.90 -15.67 -38.26
CA LYS B 211 18.19 -14.30 -37.98
C LYS B 211 19.51 -14.17 -37.19
N SER B 212 19.48 -13.73 -35.89
CA SER B 212 20.64 -13.43 -35.08
C SER B 212 21.70 -14.44 -34.75
N SER B 213 22.02 -15.36 -35.68
CA SER B 213 22.56 -16.73 -35.54
C SER B 213 22.97 -17.27 -34.18
N PHE B 214 23.72 -18.40 -34.00
CA PHE B 214 23.70 -19.05 -32.72
C PHE B 214 25.00 -19.99 -32.44
N LYS B 215 25.33 -19.96 -31.18
CA LYS B 215 26.47 -20.67 -30.53
C LYS B 215 26.22 -21.02 -29.06
N PHE B 216 25.07 -21.58 -28.71
CA PHE B 216 24.76 -22.09 -27.33
C PHE B 216 24.11 -21.00 -26.39
N ALA B 217 24.61 -19.74 -26.51
CA ALA B 217 24.12 -18.49 -25.87
C ALA B 217 23.41 -17.41 -26.64
N TRP B 218 23.70 -17.31 -27.97
CA TRP B 218 23.05 -16.25 -28.78
C TRP B 218 21.60 -16.59 -28.98
N ILE B 219 21.43 -17.85 -29.29
CA ILE B 219 20.22 -18.58 -29.20
C ILE B 219 19.53 -18.45 -27.85
N MET B 220 20.20 -18.42 -26.67
CA MET B 220 19.54 -18.13 -25.35
C MET B 220 19.04 -16.71 -25.31
N ASP B 221 19.80 -15.81 -25.92
CA ASP B 221 19.52 -14.35 -26.08
C ASP B 221 18.32 -14.03 -26.97
N GLN B 222 18.18 -14.75 -28.06
CA GLN B 222 16.96 -14.77 -28.90
C GLN B 222 15.76 -15.32 -28.09
N THR B 223 15.86 -16.37 -27.18
CA THR B 223 14.82 -16.79 -26.20
C THR B 223 14.53 -15.64 -25.30
N ASN B 224 15.52 -14.80 -24.86
CA ASN B 224 15.17 -13.53 -24.23
C ASN B 224 14.35 -12.60 -25.13
N GLU B 225 14.66 -12.43 -26.46
CA GLU B 225 13.81 -11.58 -27.34
C GLU B 225 12.40 -12.04 -27.58
N GLU B 226 12.06 -13.35 -27.71
CA GLU B 226 10.71 -13.88 -27.68
C GLU B 226 9.97 -13.62 -26.38
N ARG B 227 10.66 -13.82 -25.31
CA ARG B 227 10.18 -13.77 -23.95
C ARG B 227 9.76 -12.40 -23.48
N GLU B 228 10.49 -11.30 -23.96
CA GLU B 228 9.87 -10.03 -24.01
C GLU B 228 8.30 -10.01 -24.14
N ARG B 229 7.81 -10.60 -25.27
CA ARG B 229 6.45 -10.75 -25.81
C ARG B 229 5.44 -11.35 -24.84
N GLY B 230 5.81 -11.66 -23.55
CA GLY B 230 4.83 -11.95 -22.52
C GLY B 230 5.46 -11.79 -21.22
N VAL B 231 6.21 -10.72 -20.98
CA VAL B 231 7.42 -10.50 -20.15
C VAL B 231 7.78 -11.66 -19.18
N THR B 232 8.93 -12.26 -19.48
CA THR B 232 9.44 -13.46 -18.78
C THR B 232 8.71 -14.76 -19.09
N VAL B 233 9.05 -15.47 -20.18
CA VAL B 233 8.53 -16.82 -20.31
C VAL B 233 9.12 -18.02 -19.53
N SER B 234 10.44 -17.99 -19.15
CA SER B 234 10.99 -19.06 -18.33
C SER B 234 10.98 -18.67 -16.90
N ILE B 235 11.28 -19.60 -16.02
CA ILE B 235 10.81 -19.54 -14.82
C ILE B 235 11.76 -18.86 -13.89
N CYS B 236 11.27 -18.33 -12.69
CA CYS B 236 12.30 -18.14 -11.68
C CYS B 236 12.81 -19.45 -11.16
N THR B 237 11.91 -20.53 -11.23
CA THR B 237 12.54 -21.88 -11.05
C THR B 237 13.58 -22.17 -12.16
N SER B 238 14.80 -22.48 -11.72
CA SER B 238 15.82 -22.98 -12.56
C SER B 238 16.72 -23.76 -11.65
N HIS B 239 17.25 -24.83 -12.19
CA HIS B 239 18.26 -25.52 -11.41
C HIS B 239 19.24 -26.04 -12.40
N PHE B 240 20.42 -26.36 -11.91
CA PHE B 240 21.43 -27.14 -12.67
C PHE B 240 22.18 -27.98 -11.72
N SER B 241 23.10 -28.83 -12.16
CA SER B 241 24.03 -29.60 -11.38
C SER B 241 25.50 -29.44 -11.80
N THR B 242 26.37 -29.73 -10.80
CA THR B 242 27.77 -29.69 -10.96
C THR B 242 28.41 -30.97 -10.48
N HIS B 243 29.70 -31.21 -10.61
CA HIS B 243 30.23 -32.47 -10.07
C HIS B 243 30.02 -32.66 -8.50
N ARG B 244 30.28 -31.59 -7.68
CA ARG B 244 29.98 -31.54 -6.29
C ARG B 244 28.52 -31.41 -5.78
N ALA B 245 27.71 -30.55 -6.43
CA ALA B 245 26.44 -30.08 -5.92
C ALA B 245 25.32 -29.87 -7.00
N ASN B 246 24.07 -29.64 -6.48
CA ASN B 246 22.91 -29.33 -7.31
C ASN B 246 22.62 -27.88 -7.05
N PHE B 247 22.50 -27.04 -8.05
CA PHE B 247 22.43 -25.62 -7.86
C PHE B 247 21.03 -25.02 -8.16
N THR B 248 20.51 -24.11 -7.32
CA THR B 248 19.38 -23.25 -7.59
C THR B 248 20.00 -22.00 -8.15
N ILE B 249 19.46 -21.51 -9.29
CA ILE B 249 19.69 -20.13 -9.58
C ILE B 249 18.35 -19.48 -9.59
N VAL B 250 18.37 -18.21 -9.10
CA VAL B 250 17.30 -17.23 -9.26
C VAL B 250 18.20 -16.10 -9.84
N ASP B 251 17.73 -15.41 -10.90
CA ASP B 251 18.61 -14.47 -11.70
C ASP B 251 18.08 -13.04 -11.68
N ALA B 252 18.56 -12.07 -10.95
CA ALA B 252 18.01 -10.72 -10.94
C ALA B 252 17.84 -10.21 -12.40
N PRO B 253 16.67 -10.06 -13.08
CA PRO B 253 16.31 -9.23 -14.15
C PRO B 253 17.08 -8.08 -14.71
N GLY B 254 16.84 -7.73 -16.00
CA GLY B 254 15.76 -8.13 -16.92
C GLY B 254 14.64 -7.15 -16.83
N HIS B 255 14.78 -6.10 -15.94
CA HIS B 255 13.88 -4.96 -15.50
C HIS B 255 13.63 -4.75 -13.95
N ARG B 256 14.46 -5.35 -13.12
CA ARG B 256 14.61 -5.26 -11.66
C ARG B 256 13.58 -5.92 -10.69
N ASP B 257 13.36 -7.25 -10.72
CA ASP B 257 12.37 -7.85 -9.94
C ASP B 257 12.90 -9.09 -9.31
N PHE B 258 13.26 -10.24 -9.96
CA PHE B 258 14.02 -11.35 -9.33
C PHE B 258 15.08 -11.05 -8.27
N VAL B 259 15.81 -9.87 -8.24
CA VAL B 259 16.59 -9.58 -6.97
C VAL B 259 15.78 -9.61 -5.61
N PRO B 260 14.53 -9.08 -5.67
CA PRO B 260 13.53 -9.44 -4.70
C PRO B 260 13.10 -10.89 -4.67
N ASN B 261 13.11 -11.65 -5.76
CA ASN B 261 12.92 -13.09 -5.65
C ASN B 261 13.96 -13.85 -4.90
N ALA B 262 15.33 -13.57 -4.89
CA ALA B 262 16.15 -14.04 -3.83
C ALA B 262 16.15 -13.66 -2.26
N ILE B 263 16.22 -12.37 -1.85
CA ILE B 263 16.70 -12.13 -0.46
C ILE B 263 15.80 -12.37 0.75
N MET B 264 14.68 -11.65 0.61
CA MET B 264 13.51 -11.85 1.32
C MET B 264 12.69 -13.04 0.82
N GLY B 265 12.85 -13.08 -0.49
CA GLY B 265 12.74 -14.10 -1.55
C GLY B 265 13.63 -15.24 -1.24
N ILE B 266 13.72 -16.23 -2.11
CA ILE B 266 13.92 -17.57 -1.68
C ILE B 266 15.36 -17.76 -1.36
N SER B 267 15.51 -18.82 -0.46
CA SER B 267 16.55 -19.66 -0.07
C SER B 267 17.61 -18.82 0.06
N GLN B 268 17.83 -18.05 1.17
CA GLN B 268 19.09 -17.48 1.14
C GLN B 268 20.31 -18.32 0.66
N ALA B 269 20.95 -17.56 -0.19
CA ALA B 269 22.04 -17.66 -1.09
C ALA B 269 23.37 -18.07 -0.46
N ASP B 270 23.89 -19.29 -0.49
CA ASP B 270 25.15 -19.74 0.10
C ASP B 270 26.22 -18.79 -0.38
N MET B 271 26.02 -18.42 -1.67
CA MET B 271 26.87 -17.52 -2.31
C MET B 271 26.09 -16.73 -3.25
N ALA B 272 26.57 -15.47 -3.40
CA ALA B 272 25.93 -14.49 -4.14
C ALA B 272 26.83 -14.27 -5.37
N ILE B 273 26.28 -14.01 -6.57
CA ILE B 273 27.11 -13.89 -7.73
C ILE B 273 26.93 -12.53 -8.26
N LEU B 274 27.98 -11.65 -8.23
CA LEU B 274 27.93 -10.39 -8.95
C LEU B 274 28.54 -10.57 -10.34
N CYS B 275 27.75 -10.24 -11.36
CA CYS B 275 28.09 -10.26 -12.69
C CYS B 275 28.24 -8.80 -13.10
N VAL B 276 29.38 -8.46 -13.62
CA VAL B 276 29.85 -7.15 -14.06
C VAL B 276 30.23 -7.22 -15.47
N ASP B 277 30.05 -6.15 -16.16
CA ASP B 277 30.52 -5.95 -17.54
C ASP B 277 31.93 -5.40 -17.52
N CYS B 278 32.86 -5.97 -18.28
CA CYS B 278 34.17 -5.41 -18.47
C CYS B 278 34.28 -4.14 -19.31
N SER B 279 33.28 -3.84 -20.13
CA SER B 279 33.32 -2.56 -20.89
C SER B 279 33.46 -1.27 -20.08
N THR B 280 34.06 -0.22 -20.62
CA THR B 280 34.28 1.04 -20.00
C THR B 280 33.02 1.81 -19.56
N ASN B 281 32.05 1.98 -20.43
CA ASN B 281 30.81 2.52 -20.02
C ASN B 281 29.92 1.74 -19.16
N ALA B 282 29.77 0.37 -19.35
CA ALA B 282 29.00 -0.52 -18.53
C ALA B 282 29.49 -0.85 -17.10
N PHE B 283 30.84 -1.08 -16.87
CA PHE B 283 31.38 -1.09 -15.56
C PHE B 283 31.29 0.19 -14.82
N GLU B 284 31.57 1.36 -15.47
CA GLU B 284 31.38 2.71 -14.84
C GLU B 284 29.91 2.91 -14.45
N SER B 285 28.97 2.57 -15.30
CA SER B 285 27.57 2.41 -14.91
C SER B 285 27.40 1.10 -14.05
N GLY B 286 26.22 0.87 -13.45
CA GLY B 286 26.01 -0.43 -12.70
C GLY B 286 26.43 -0.43 -11.28
N PHE B 287 27.66 0.05 -11.07
CA PHE B 287 28.51 0.10 -10.00
C PHE B 287 28.21 1.25 -9.08
N ASP B 288 27.41 2.27 -9.52
CA ASP B 288 27.00 3.44 -8.82
C ASP B 288 26.44 3.11 -7.48
N LEU B 289 26.69 4.01 -6.46
CA LEU B 289 26.33 3.82 -5.03
C LEU B 289 24.86 3.73 -4.85
N ASP B 290 24.31 4.54 -5.75
CA ASP B 290 22.91 4.70 -6.08
C ASP B 290 22.47 3.48 -6.84
N GLY B 291 23.27 2.67 -7.51
CA GLY B 291 22.66 1.61 -8.35
C GLY B 291 21.90 0.63 -7.45
N GLN B 292 20.96 -0.04 -8.13
CA GLN B 292 20.13 -1.08 -7.55
C GLN B 292 20.92 -2.27 -7.33
N THR B 293 21.99 -2.42 -8.14
CA THR B 293 23.10 -3.35 -8.05
C THR B 293 23.77 -3.26 -6.75
N LYS B 294 24.11 -2.02 -6.22
CA LYS B 294 24.71 -1.96 -4.90
C LYS B 294 23.77 -2.46 -3.82
N GLU B 295 22.47 -2.08 -3.94
CA GLU B 295 21.41 -2.54 -3.06
C GLU B 295 21.20 -4.02 -3.05
N HIS B 296 21.28 -4.63 -4.29
CA HIS B 296 21.19 -6.04 -4.57
C HIS B 296 22.33 -6.86 -3.92
N MET B 297 23.53 -6.26 -3.93
CA MET B 297 24.57 -6.71 -3.03
C MET B 297 24.51 -6.45 -1.49
N LEU B 298 23.96 -5.28 -1.11
CA LEU B 298 23.81 -4.77 0.24
C LEU B 298 22.87 -5.60 1.01
N LEU B 299 21.68 -5.96 0.44
CA LEU B 299 20.99 -7.13 0.97
C LEU B 299 21.57 -8.28 0.19
N ALA B 300 21.86 -9.32 1.05
CA ALA B 300 22.88 -10.29 0.88
C ALA B 300 23.82 -10.19 2.06
N SER B 301 24.65 -9.14 2.09
CA SER B 301 25.62 -8.91 3.19
C SER B 301 24.90 -8.69 4.53
N SER B 302 23.82 -7.95 4.49
CA SER B 302 22.97 -7.76 5.68
C SER B 302 22.35 -9.07 6.14
N LEU B 303 21.97 -9.90 5.15
CA LEU B 303 21.22 -11.12 5.37
C LEU B 303 21.97 -12.27 6.08
N GLY B 304 23.35 -12.23 5.97
CA GLY B 304 24.11 -13.38 6.38
C GLY B 304 24.53 -14.20 5.22
N ILE B 305 24.53 -13.58 4.00
CA ILE B 305 25.10 -14.23 2.82
C ILE B 305 26.60 -14.01 2.72
N HIS B 306 27.32 -14.97 3.31
CA HIS B 306 28.75 -14.82 3.49
C HIS B 306 29.64 -15.06 2.33
N ASN B 307 29.33 -15.94 1.36
CA ASN B 307 30.20 -16.19 0.22
C ASN B 307 29.75 -15.36 -1.03
N LEU B 308 30.70 -14.86 -1.79
CA LEU B 308 30.41 -14.13 -3.03
C LEU B 308 31.50 -14.54 -4.00
N ILE B 309 31.06 -14.66 -5.30
CA ILE B 309 31.84 -15.07 -6.45
C ILE B 309 31.60 -13.90 -7.41
N ILE B 310 32.66 -13.37 -7.99
CA ILE B 310 32.49 -12.24 -8.87
C ILE B 310 33.02 -12.63 -10.26
N ALA B 311 32.13 -12.44 -11.25
CA ALA B 311 32.34 -13.01 -12.58
C ALA B 311 32.41 -11.84 -13.60
N MET B 312 33.47 -11.77 -14.39
CA MET B 312 33.65 -10.61 -15.23
C MET B 312 33.11 -10.99 -16.59
N ASN B 313 31.93 -10.49 -17.03
CA ASN B 313 31.32 -10.97 -18.33
C ASN B 313 31.93 -10.08 -19.39
N LYS B 314 31.72 -10.40 -20.65
CA LYS B 314 31.97 -9.45 -21.75
C LYS B 314 33.40 -9.01 -21.89
N MET B 315 34.28 -9.94 -21.59
CA MET B 315 35.71 -9.83 -21.72
C MET B 315 36.15 -9.58 -23.10
N ASP B 316 35.38 -10.18 -24.02
CA ASP B 316 35.60 -10.25 -25.46
C ASP B 316 35.64 -8.95 -26.10
N ASN B 317 34.76 -7.95 -25.68
CA ASN B 317 34.91 -6.59 -26.14
C ASN B 317 36.09 -5.79 -25.73
N VAL B 318 36.59 -6.08 -24.50
CA VAL B 318 37.80 -5.47 -23.94
C VAL B 318 39.02 -6.36 -24.09
N ASP B 319 39.02 -7.13 -25.28
CA ASP B 319 40.12 -7.97 -25.78
C ASP B 319 40.74 -8.97 -24.81
N TRP B 320 39.85 -9.46 -23.90
CA TRP B 320 40.22 -10.28 -22.80
C TRP B 320 41.45 -9.77 -21.95
N SER B 321 41.40 -8.50 -21.61
CA SER B 321 42.64 -7.78 -21.30
C SER B 321 43.13 -8.08 -19.93
N GLN B 322 44.42 -8.33 -19.70
CA GLN B 322 44.96 -8.35 -18.29
C GLN B 322 44.83 -7.11 -17.56
N GLN B 323 45.17 -5.94 -18.17
CA GLN B 323 45.19 -4.64 -17.45
C GLN B 323 43.78 -4.14 -17.07
N ARG B 324 42.80 -4.27 -18.00
CA ARG B 324 41.43 -3.98 -17.66
C ARG B 324 40.91 -4.95 -16.63
N PHE B 325 41.23 -6.25 -16.68
CA PHE B 325 40.70 -7.16 -15.65
C PHE B 325 41.19 -6.86 -14.20
N GLU B 326 42.54 -6.61 -14.04
CA GLU B 326 43.12 -6.25 -12.74
C GLU B 326 42.63 -4.92 -12.26
N GLU B 327 42.48 -3.92 -13.20
CA GLU B 327 41.84 -2.64 -12.91
C GLU B 327 40.39 -2.76 -12.51
N ILE B 328 39.61 -3.69 -13.16
CA ILE B 328 38.25 -4.03 -12.70
C ILE B 328 38.21 -4.67 -11.30
N LYS B 329 39.04 -5.65 -10.92
CA LYS B 329 39.13 -6.31 -9.62
C LYS B 329 39.40 -5.24 -8.54
N SER B 330 40.35 -4.30 -8.84
CA SER B 330 40.63 -3.17 -8.04
C SER B 330 39.49 -2.19 -7.83
N LYS B 331 38.63 -1.72 -8.80
CA LYS B 331 37.43 -1.09 -8.31
C LYS B 331 36.38 -2.00 -7.61
N LEU B 332 36.04 -3.19 -8.13
CA LEU B 332 34.86 -3.96 -7.81
C LEU B 332 34.89 -4.45 -6.37
N LEU B 333 36.10 -4.82 -5.89
CA LEU B 333 36.30 -5.12 -4.52
C LEU B 333 36.12 -4.01 -3.47
N PRO B 334 36.73 -2.80 -3.56
CA PRO B 334 36.53 -1.73 -2.57
C PRO B 334 35.09 -1.24 -2.45
N TYR B 335 34.32 -1.39 -3.55
CA TYR B 335 32.88 -1.30 -3.67
C TYR B 335 32.14 -2.42 -2.82
N LEU B 336 32.57 -3.68 -2.89
CA LEU B 336 32.11 -4.74 -2.14
C LEU B 336 32.43 -4.61 -0.66
N VAL B 337 33.60 -4.12 -0.22
CA VAL B 337 33.95 -3.83 1.13
C VAL B 337 33.07 -2.72 1.73
N ASP B 338 32.74 -1.67 0.94
CA ASP B 338 31.79 -0.64 1.33
C ASP B 338 30.40 -1.26 1.62
N ILE B 339 30.04 -2.27 0.79
CA ILE B 339 28.93 -3.18 1.11
C ILE B 339 29.08 -4.03 2.32
N GLY B 340 30.27 -4.55 2.64
CA GLY B 340 30.72 -5.28 3.84
C GLY B 340 31.45 -6.54 3.59
N PHE B 341 31.62 -6.91 2.29
CA PHE B 341 32.16 -8.20 1.85
C PHE B 341 33.73 -8.30 2.07
N PHE B 342 34.23 -9.50 2.22
CA PHE B 342 35.59 -9.89 2.55
C PHE B 342 36.45 -10.22 1.31
N GLU B 343 37.25 -9.26 0.80
CA GLU B 343 37.80 -9.21 -0.54
C GLU B 343 38.70 -10.42 -0.94
N ASP B 344 39.48 -10.93 -0.02
CA ASP B 344 40.24 -12.19 -0.05
C ASP B 344 39.43 -13.49 -0.25
N ASN B 345 38.25 -13.48 0.41
CA ASN B 345 37.28 -14.57 0.35
C ASN B 345 36.55 -14.59 -1.00
N ILE B 346 36.66 -13.50 -1.81
CA ILE B 346 35.90 -13.45 -3.01
C ILE B 346 36.72 -13.98 -4.19
N ASN B 347 36.11 -14.95 -4.92
CA ASN B 347 36.72 -15.40 -6.12
C ASN B 347 36.39 -14.51 -7.33
N TRP B 348 37.35 -14.17 -8.18
CA TRP B 348 37.12 -13.45 -9.37
C TRP B 348 37.36 -14.40 -10.50
N VAL B 349 36.45 -14.55 -11.45
CA VAL B 349 36.62 -15.51 -12.48
C VAL B 349 36.38 -14.73 -13.75
N PRO B 350 37.27 -14.68 -14.71
CA PRO B 350 36.97 -14.07 -16.00
C PRO B 350 36.16 -14.91 -16.84
N ILE B 351 35.14 -14.30 -17.49
CA ILE B 351 34.22 -15.08 -18.30
C ILE B 351 33.58 -14.38 -19.50
N SER B 352 32.97 -15.20 -20.34
CA SER B 352 32.05 -14.88 -21.42
C SER B 352 30.90 -15.75 -21.39
N GLY B 353 29.66 -15.22 -21.01
CA GLY B 353 28.45 -15.98 -21.13
C GLY B 353 28.08 -16.27 -22.61
N PHE B 354 28.41 -15.24 -23.41
CA PHE B 354 28.22 -15.06 -24.84
C PHE B 354 29.07 -16.00 -25.76
N SER B 355 30.40 -16.20 -25.54
CA SER B 355 31.11 -17.38 -26.12
C SER B 355 31.08 -18.70 -25.30
N GLY B 356 30.92 -18.60 -23.91
CA GLY B 356 30.90 -19.66 -22.88
C GLY B 356 32.28 -20.04 -22.24
N GLU B 357 33.26 -19.26 -22.58
CA GLU B 357 34.63 -19.38 -22.03
C GLU B 357 34.76 -19.04 -20.53
N GLY B 358 35.31 -20.02 -19.79
CA GLY B 358 35.51 -20.08 -18.37
C GLY B 358 34.25 -20.40 -17.59
N VAL B 359 33.16 -20.71 -18.30
CA VAL B 359 31.97 -21.12 -17.63
C VAL B 359 31.91 -22.56 -17.14
N TYR B 360 31.93 -23.53 -18.08
CA TYR B 360 31.92 -24.99 -17.88
C TYR B 360 33.34 -25.59 -17.69
N LYS B 361 34.34 -25.25 -18.52
CA LYS B 361 35.74 -25.69 -18.45
C LYS B 361 36.65 -24.42 -18.29
N ILE B 362 37.75 -24.53 -17.51
CA ILE B 362 38.80 -23.60 -17.35
C ILE B 362 39.51 -23.09 -18.58
N GLU B 363 39.86 -21.76 -18.46
CA GLU B 363 40.27 -20.76 -19.45
C GLU B 363 41.59 -21.04 -20.14
N TYR B 364 41.97 -22.32 -20.15
CA TYR B 364 42.74 -22.97 -21.24
C TYR B 364 41.91 -23.09 -22.52
N THR B 365 40.56 -23.36 -22.38
CA THR B 365 39.59 -23.38 -23.49
C THR B 365 39.49 -22.02 -24.15
N ASP B 366 39.53 -20.96 -23.35
CA ASP B 366 39.84 -19.63 -23.74
C ASP B 366 41.30 -19.39 -24.20
N GLU B 367 41.64 -19.58 -25.52
CA GLU B 367 42.97 -19.19 -26.00
C GLU B 367 43.16 -17.67 -25.99
N VAL B 368 42.09 -16.87 -25.94
CA VAL B 368 42.08 -15.47 -25.92
C VAL B 368 42.65 -14.91 -24.61
N ARG B 369 42.56 -15.68 -23.50
CA ARG B 369 43.49 -15.42 -22.40
C ARG B 369 44.36 -16.56 -21.94
N GLN B 370 45.68 -16.45 -22.26
CA GLN B 370 46.81 -17.29 -21.75
C GLN B 370 47.31 -17.00 -20.32
N TRP B 371 47.30 -15.71 -19.86
CA TRP B 371 47.83 -15.28 -18.55
C TRP B 371 47.10 -15.82 -17.31
N TYR B 372 45.78 -15.87 -17.21
CA TYR B 372 45.03 -16.47 -16.18
C TYR B 372 45.28 -17.95 -16.05
N ASN B 373 45.48 -18.34 -14.76
CA ASN B 373 45.58 -19.76 -14.42
C ASN B 373 44.82 -19.86 -13.17
N GLY B 374 43.58 -20.39 -13.29
CA GLY B 374 42.81 -20.60 -12.07
C GLY B 374 41.55 -21.39 -12.40
N PRO B 375 40.51 -21.52 -11.56
CA PRO B 375 39.32 -22.32 -11.90
C PRO B 375 38.29 -21.48 -12.67
N ASN B 376 37.41 -22.28 -13.26
CA ASN B 376 36.19 -21.91 -13.93
C ASN B 376 34.96 -21.57 -13.11
N LEU B 377 33.94 -20.97 -13.77
CA LEU B 377 32.82 -20.34 -13.02
C LEU B 377 31.95 -21.44 -12.34
N MET B 378 31.66 -22.58 -12.99
CA MET B 378 31.03 -23.72 -12.25
C MET B 378 31.90 -24.33 -11.17
N SER B 379 33.20 -24.41 -11.38
CA SER B 379 34.19 -24.90 -10.44
C SER B 379 34.30 -24.03 -9.21
N THR B 380 34.27 -22.73 -9.38
CA THR B 380 34.13 -21.75 -8.30
C THR B 380 32.84 -21.79 -7.51
N LEU B 381 31.69 -21.94 -8.14
CA LEU B 381 30.40 -22.13 -7.46
C LEU B 381 30.27 -23.44 -6.68
N GLU B 382 30.78 -24.50 -7.26
CA GLU B 382 30.95 -25.79 -6.69
C GLU B 382 31.88 -25.93 -5.61
N ASN B 383 32.82 -24.94 -5.54
CA ASN B 383 33.81 -24.78 -4.61
C ASN B 383 33.26 -24.53 -3.19
N ALA B 384 31.98 -24.13 -3.03
CA ALA B 384 31.39 -23.93 -1.72
C ALA B 384 31.47 -25.00 -0.71
N ALA B 385 31.69 -24.69 0.59
CA ALA B 385 31.96 -25.72 1.55
C ALA B 385 30.63 -26.33 1.87
N PHE B 386 30.56 -27.63 2.04
CA PHE B 386 29.35 -28.36 2.36
C PHE B 386 29.06 -28.17 3.85
N LYS B 387 27.91 -27.68 4.34
CA LYS B 387 27.69 -27.67 5.76
C LYS B 387 27.23 -29.03 6.03
N ILE B 388 27.30 -29.52 7.33
CA ILE B 388 27.02 -30.89 7.55
C ILE B 388 25.56 -30.84 7.85
N SER B 389 24.71 -31.65 7.15
CA SER B 389 23.32 -31.46 7.46
C SER B 389 23.15 -32.03 8.84
N LYS B 390 21.99 -31.90 9.48
CA LYS B 390 21.77 -32.30 10.87
C LYS B 390 22.77 -33.19 11.72
N GLU B 391 22.79 -33.35 13.06
CA GLU B 391 22.01 -32.99 14.22
C GLU B 391 20.64 -33.67 14.17
N ASN B 392 20.61 -34.79 13.30
CA ASN B 392 19.49 -35.40 12.59
C ASN B 392 18.23 -35.85 13.36
N GLU B 393 17.21 -35.00 13.09
CA GLU B 393 16.35 -34.18 13.98
C GLU B 393 16.89 -33.09 14.93
N GLY B 394 17.05 -31.81 14.43
CA GLY B 394 17.76 -30.71 15.12
C GLY B 394 17.52 -29.28 14.60
N ILE B 395 18.37 -28.29 15.03
CA ILE B 395 17.96 -26.90 15.32
C ILE B 395 18.59 -25.75 14.47
N ASN B 396 17.80 -24.67 14.15
CA ASN B 396 18.22 -23.32 13.65
C ASN B 396 17.01 -22.36 13.73
N LYS B 397 15.88 -23.03 13.90
CA LYS B 397 14.76 -22.98 14.77
C LYS B 397 13.96 -24.18 14.99
N ASP B 398 14.16 -24.59 16.24
CA ASP B 398 13.37 -25.43 17.04
C ASP B 398 12.37 -24.42 17.50
N ASP B 399 12.78 -23.14 17.43
CA ASP B 399 11.96 -22.05 17.89
C ASP B 399 10.75 -22.05 17.05
N PRO B 400 9.81 -21.26 17.46
CA PRO B 400 8.53 -21.28 16.83
C PRO B 400 8.62 -21.01 15.37
N PHE B 401 7.84 -21.78 14.60
CA PHE B 401 7.80 -21.71 13.17
C PHE B 401 7.15 -20.46 12.71
N LEU B 402 7.83 -19.73 11.80
CA LEU B 402 7.27 -18.58 11.18
C LEU B 402 7.64 -18.64 9.73
N PHE B 403 6.63 -18.73 8.86
CA PHE B 403 6.88 -18.80 7.44
C PHE B 403 6.17 -17.67 6.78
N SER B 404 6.92 -16.80 6.09
CA SER B 404 6.32 -15.68 5.40
C SER B 404 5.85 -16.15 4.06
N VAL B 405 4.78 -15.52 3.52
CA VAL B 405 4.25 -15.92 2.24
C VAL B 405 4.54 -14.84 1.23
N LEU B 406 5.47 -15.27 0.31
CA LEU B 406 5.93 -14.42 -0.68
C LEU B 406 4.79 -14.39 -1.69
N GLU B 407 4.23 -15.47 -2.20
CA GLU B 407 3.35 -15.55 -3.36
C GLU B 407 2.31 -16.58 -3.11
N ILE B 408 1.12 -16.46 -3.76
CA ILE B 408 -0.01 -17.36 -3.72
C ILE B 408 -0.38 -17.73 -5.12
N ILE B 409 -0.43 -19.04 -5.46
CA ILE B 409 -0.78 -19.38 -6.83
C ILE B 409 -1.47 -20.71 -6.84
N PRO B 410 -2.40 -20.89 -7.74
CA PRO B 410 -3.18 -22.10 -7.87
C PRO B 410 -2.43 -23.26 -8.45
N SER B 411 -2.87 -24.49 -8.13
CA SER B 411 -2.31 -25.69 -8.66
C SER B 411 -3.42 -26.70 -8.72
N LYS B 412 -3.20 -27.84 -9.42
CA LYS B 412 -4.25 -28.82 -9.49
C LYS B 412 -4.51 -29.45 -8.15
N LYS B 413 -3.47 -30.07 -7.56
CA LYS B 413 -3.57 -30.80 -6.32
C LYS B 413 -3.75 -29.85 -5.17
N THR B 414 -2.97 -28.76 -5.21
CA THR B 414 -3.00 -27.78 -4.17
C THR B 414 -3.77 -26.69 -4.84
N SER B 415 -4.82 -26.15 -4.16
CA SER B 415 -5.92 -25.32 -4.64
C SER B 415 -5.49 -24.10 -5.42
N ASN B 416 -6.33 -23.04 -5.45
CA ASN B 416 -5.88 -21.87 -6.13
C ASN B 416 -4.84 -21.22 -5.25
N ASP B 417 -5.00 -21.38 -3.92
CA ASP B 417 -4.06 -21.01 -2.90
C ASP B 417 -4.42 -21.94 -1.82
N LEU B 418 -3.43 -22.32 -0.98
CA LEU B 418 -3.63 -23.50 -0.20
C LEU B 418 -3.78 -24.41 -1.37
N ALA B 419 -2.77 -24.13 -2.19
CA ALA B 419 -2.39 -24.32 -3.52
C ALA B 419 -0.94 -24.14 -3.29
N LEU B 420 -0.23 -23.64 -4.30
CA LEU B 420 1.18 -23.41 -4.08
C LEU B 420 1.36 -22.12 -3.36
N VAL B 421 2.29 -22.11 -2.38
CA VAL B 421 2.66 -20.94 -1.64
C VAL B 421 4.16 -20.90 -1.69
N SER B 422 4.72 -19.68 -1.80
CA SER B 422 6.14 -19.57 -1.95
C SER B 422 6.44 -18.57 -0.86
N GLY B 423 7.64 -18.67 -0.18
CA GLY B 423 8.14 -17.66 0.79
C GLY B 423 9.29 -18.17 1.55
N LYS B 424 9.68 -17.61 2.74
CA LYS B 424 10.89 -17.93 3.43
C LYS B 424 10.57 -18.41 4.78
N LEU B 425 11.47 -19.26 5.33
CA LEU B 425 11.25 -19.81 6.65
C LEU B 425 11.97 -18.88 7.57
N GLU B 426 11.21 -17.96 8.19
CA GLU B 426 11.71 -16.91 9.03
C GLU B 426 12.32 -17.46 10.29
N SER B 427 11.71 -18.53 10.83
CA SER B 427 12.19 -19.15 12.03
C SER B 427 11.56 -20.51 12.10
N GLY B 428 12.25 -21.45 12.76
CA GLY B 428 11.67 -22.75 12.98
C GLY B 428 11.95 -23.67 11.82
N SER B 429 11.06 -24.67 11.64
CA SER B 429 11.22 -25.63 10.58
C SER B 429 9.86 -26.11 10.14
N ILE B 430 9.80 -26.75 8.95
CA ILE B 430 8.58 -27.25 8.39
C ILE B 430 8.91 -28.54 7.70
N GLN B 431 7.96 -29.49 7.67
CA GLN B 431 8.19 -30.74 6.98
C GLN B 431 6.89 -31.16 6.36
N PRO B 432 6.96 -31.97 5.33
CA PRO B 432 5.73 -32.42 4.74
C PRO B 432 4.84 -33.27 5.57
N GLY B 433 3.53 -33.14 5.32
CA GLY B 433 2.50 -33.90 5.99
C GLY B 433 2.17 -33.22 7.28
N GLU B 434 2.78 -32.04 7.52
CA GLU B 434 2.59 -31.29 8.74
C GLU B 434 1.44 -30.35 8.55
N SER B 435 0.91 -29.83 9.68
CA SER B 435 -0.18 -28.91 9.61
C SER B 435 0.38 -27.52 9.83
N LEU B 436 -0.01 -26.58 8.96
CA LEU B 436 0.37 -25.20 9.07
C LEU B 436 -0.87 -24.42 9.35
N THR B 437 -0.78 -23.40 10.24
CA THR B 437 -1.94 -22.64 10.58
C THR B 437 -1.73 -21.22 10.17
N ILE B 438 -2.77 -20.61 9.56
CA ILE B 438 -2.67 -19.25 9.16
C ILE B 438 -3.63 -18.45 9.99
N TYR B 439 -3.06 -17.60 10.87
CA TYR B 439 -3.83 -16.84 11.80
C TYR B 439 -4.73 -15.89 11.06
N PRO B 440 -4.30 -15.29 9.98
CA PRO B 440 -5.15 -14.34 9.32
C PRO B 440 -6.47 -14.84 8.82
N SER B 441 -6.42 -15.98 8.12
CA SER B 441 -7.61 -16.45 7.62
C SER B 441 -8.25 -17.28 8.58
N GLU B 442 -7.64 -17.69 9.76
CA GLU B 442 -8.14 -18.58 10.78
C GLU B 442 -8.41 -19.90 10.15
N GLN B 443 -7.56 -20.31 9.19
CA GLN B 443 -7.73 -21.57 8.51
C GLN B 443 -6.44 -22.33 8.59
N SER B 444 -6.47 -23.64 8.22
CA SER B 444 -5.28 -24.45 8.33
C SER B 444 -5.16 -25.31 7.10
N CYS B 445 -4.00 -25.98 6.94
CA CYS B 445 -3.82 -26.79 5.79
C CYS B 445 -2.77 -27.84 6.05
N ILE B 446 -2.64 -28.81 5.12
CA ILE B 446 -1.64 -29.82 5.32
C ILE B 446 -0.63 -29.67 4.24
N VAL B 447 0.67 -29.76 4.61
CA VAL B 447 1.72 -29.59 3.65
C VAL B 447 1.80 -30.84 2.84
N ASP B 448 1.49 -30.72 1.53
CA ASP B 448 1.57 -31.78 0.57
C ASP B 448 2.99 -32.02 0.17
N LYS B 449 3.77 -30.93 -0.05
CA LYS B 449 5.13 -31.13 -0.47
C LYS B 449 5.96 -29.95 -0.07
N ILE B 450 7.29 -30.14 0.02
CA ILE B 450 8.15 -29.05 0.35
C ILE B 450 9.31 -29.02 -0.59
N GLN B 451 9.54 -27.85 -1.21
CA GLN B 451 10.67 -27.67 -2.06
C GLN B 451 11.55 -26.76 -1.28
N VAL B 452 12.77 -27.23 -0.97
CA VAL B 452 13.75 -26.54 -0.17
C VAL B 452 14.30 -25.45 -1.06
N GLY B 453 15.59 -25.14 -0.91
CA GLY B 453 16.23 -24.11 -1.69
C GLY B 453 16.24 -24.44 -3.18
N SER B 454 17.44 -24.54 -3.74
CA SER B 454 17.59 -24.85 -5.16
C SER B 454 16.31 -25.45 -5.73
N GLN B 455 15.86 -24.93 -6.83
CA GLN B 455 14.66 -25.32 -7.38
C GLN B 455 14.89 -26.67 -8.13
N GLN B 456 14.31 -27.80 -7.80
CA GLN B 456 14.48 -29.11 -8.42
C GLN B 456 13.17 -29.89 -8.40
N GLY B 457 13.25 -31.17 -8.07
CA GLY B 457 12.08 -32.03 -8.02
C GLY B 457 10.79 -31.26 -8.22
N GLN B 458 10.13 -31.52 -9.34
CA GLN B 458 8.88 -30.84 -9.67
C GLN B 458 7.70 -31.49 -8.93
N SER B 459 6.57 -30.80 -8.93
CA SER B 459 5.36 -31.31 -8.27
C SER B 459 4.88 -32.60 -8.92
N THR B 460 4.76 -32.60 -10.31
CA THR B 460 4.25 -33.73 -11.06
C THR B 460 5.07 -34.98 -10.93
N ASN B 461 6.43 -34.83 -11.05
CA ASN B 461 7.30 -35.95 -10.96
C ASN B 461 7.87 -36.00 -9.55
N HIS B 462 7.55 -37.04 -8.82
CA HIS B 462 7.84 -37.45 -7.46
C HIS B 462 6.84 -36.69 -6.63
N GLU B 463 6.93 -36.81 -5.31
CA GLU B 463 6.01 -36.07 -4.46
C GLU B 463 6.68 -36.02 -3.13
N GLU B 464 7.95 -36.39 -3.05
CA GLU B 464 8.72 -36.86 -1.99
C GLU B 464 9.91 -36.06 -1.96
N THR B 465 10.46 -35.74 -0.74
CA THR B 465 11.67 -34.91 -0.42
C THR B 465 11.73 -34.44 1.06
N ASP B 466 12.89 -34.67 1.76
CA ASP B 466 13.20 -34.27 3.13
C ASP B 466 14.08 -32.98 3.18
N VAL B 467 14.06 -31.95 4.10
CA VAL B 467 13.28 -31.34 5.22
C VAL B 467 13.87 -29.89 5.21
N ALA B 468 13.49 -28.80 5.98
CA ALA B 468 14.32 -27.66 5.85
C ALA B 468 14.24 -26.80 7.06
N ILE B 469 15.47 -26.16 7.38
CA ILE B 469 15.71 -25.28 8.54
C ILE B 469 15.57 -23.82 8.14
N LYS B 470 15.46 -22.87 9.17
CA LYS B 470 15.32 -21.48 8.99
C LYS B 470 16.20 -20.95 7.98
N GLY B 471 15.70 -19.83 7.35
CA GLY B 471 16.65 -19.23 6.45
C GLY B 471 16.42 -19.72 5.06
N ASP B 472 15.90 -20.96 4.91
CA ASP B 472 15.62 -21.58 3.65
C ASP B 472 14.33 -21.08 3.24
N PHE B 473 14.24 -20.97 1.92
CA PHE B 473 13.02 -20.78 1.18
C PHE B 473 12.40 -22.09 0.94
N VAL B 474 11.06 -21.97 0.80
CA VAL B 474 10.32 -23.06 0.45
C VAL B 474 9.30 -22.55 -0.55
N THR B 475 8.91 -23.54 -1.30
CA THR B 475 7.75 -23.57 -2.13
C THR B 475 6.94 -24.71 -1.60
N LEU B 476 5.78 -24.40 -0.99
CA LEU B 476 4.97 -25.41 -0.35
C LEU B 476 3.80 -25.76 -1.21
N LYS B 477 3.13 -26.88 -0.84
CA LYS B 477 1.89 -27.26 -1.46
C LYS B 477 0.98 -27.53 -0.30
N LEU B 478 -0.22 -26.91 -0.29
CA LEU B 478 -1.10 -27.02 0.84
C LEU B 478 -2.38 -27.72 0.41
N ARG B 479 -2.71 -28.85 1.07
CA ARG B 479 -3.84 -29.66 0.69
C ARG B 479 -5.24 -29.16 0.98
N LYS B 480 -5.60 -28.94 2.26
CA LYS B 480 -7.00 -28.71 2.50
C LYS B 480 -7.26 -27.30 2.89
N ALA B 481 -7.10 -26.38 1.93
CA ALA B 481 -7.43 -25.02 2.17
C ALA B 481 -7.65 -24.38 0.83
N TYR B 482 -8.38 -23.21 0.89
CA TYR B 482 -9.21 -22.65 -0.17
C TYR B 482 -8.60 -21.47 -0.79
N PRO B 483 -8.79 -21.09 -2.04
CA PRO B 483 -8.03 -20.05 -2.75
C PRO B 483 -7.84 -18.70 -2.07
N GLU B 484 -8.88 -18.19 -1.49
CA GLU B 484 -8.83 -16.98 -0.76
C GLU B 484 -7.99 -17.07 0.49
N ASP B 485 -7.82 -18.23 1.12
CA ASP B 485 -7.42 -18.31 2.55
C ASP B 485 -6.08 -17.70 2.92
N ILE B 486 -5.15 -17.57 2.02
CA ILE B 486 -3.81 -17.20 2.37
C ILE B 486 -3.73 -16.12 1.37
N GLN B 487 -3.11 -15.02 1.80
CA GLN B 487 -2.72 -14.00 0.87
C GLN B 487 -1.26 -13.75 1.21
N ASN B 488 -0.38 -13.11 0.34
CA ASN B 488 0.98 -12.78 0.61
C ASN B 488 1.01 -11.81 1.74
N GLY B 489 2.04 -11.94 2.61
CA GLY B 489 2.18 -11.08 3.75
C GLY B 489 1.72 -11.82 4.96
N ASP B 490 0.94 -12.90 4.78
CA ASP B 490 0.51 -13.68 5.90
C ASP B 490 1.70 -14.45 6.37
N LEU B 491 1.70 -14.80 7.67
CA LEU B 491 2.76 -15.55 8.26
C LEU B 491 2.08 -16.80 8.74
N ALA B 492 2.65 -18.00 8.45
CA ALA B 492 2.02 -19.21 8.90
C ALA B 492 2.86 -19.79 10.00
N ALA B 493 2.23 -20.59 10.88
CA ALA B 493 2.92 -21.17 11.99
C ALA B 493 2.15 -22.36 12.46
N SER B 494 2.65 -23.04 13.52
CA SER B 494 1.96 -24.16 14.06
C SER B 494 1.04 -23.67 15.13
N VAL B 495 0.20 -24.57 15.67
CA VAL B 495 -0.73 -24.31 16.74
C VAL B 495 0.08 -24.07 17.98
N ASP B 496 1.28 -24.68 18.08
CA ASP B 496 2.09 -24.42 19.23
C ASP B 496 2.77 -23.10 18.97
N TYR B 497 2.73 -22.17 19.94
CA TYR B 497 3.26 -20.85 19.73
C TYR B 497 2.56 -20.38 18.50
N SER B 498 1.26 -20.69 18.43
CA SER B 498 0.51 -20.50 17.23
C SER B 498 0.06 -19.12 17.10
N SER B 499 -0.75 -18.98 16.04
CA SER B 499 -1.40 -17.81 15.61
C SER B 499 -0.37 -17.03 14.91
N ILE B 500 0.75 -16.79 15.63
CA ILE B 500 1.62 -15.73 15.23
C ILE B 500 0.65 -14.60 15.38
N HIS B 501 0.78 -13.47 16.16
CA HIS B 501 -0.09 -12.22 15.87
C HIS B 501 0.22 -11.13 14.71
N SER B 502 -0.72 -10.16 14.27
CA SER B 502 -0.60 -9.27 13.03
C SER B 502 -1.54 -7.95 12.82
N ALA B 503 -1.18 -6.83 12.05
CA ALA B 503 -1.85 -5.45 12.07
C ALA B 503 -1.72 -4.28 10.93
N GLN B 504 -1.51 -2.92 11.24
CA GLN B 504 -1.60 -1.68 10.34
C GLN B 504 -0.36 -0.78 10.08
N CYS B 505 -0.12 0.19 11.01
CA CYS B 505 1.12 0.92 11.17
C CYS B 505 2.01 0.20 12.11
N PHE B 506 3.33 0.52 12.05
CA PHE B 506 4.28 -0.11 12.93
C PHE B 506 5.38 0.86 13.24
N VAL B 507 6.23 0.50 14.23
CA VAL B 507 7.33 1.34 14.62
C VAL B 507 8.58 0.70 14.07
N LEU B 508 9.52 1.54 13.56
CA LEU B 508 10.66 0.96 12.92
C LEU B 508 11.85 1.82 13.19
N GLU B 509 13.03 1.18 13.37
CA GLU B 509 14.26 1.92 13.52
C GLU B 509 14.94 1.87 12.20
N LEU B 510 14.71 2.93 11.39
CA LEU B 510 15.28 3.06 10.09
C LEU B 510 16.59 3.74 10.23
N THR B 511 17.50 3.54 9.24
CA THR B 511 18.73 4.26 9.18
C THR B 511 18.74 4.85 7.81
N THR B 512 19.33 6.04 7.65
CA THR B 512 19.23 6.67 6.38
C THR B 512 20.57 6.66 5.71
N PHE B 513 20.56 6.81 4.36
CA PHE B 513 21.76 6.75 3.58
C PHE B 513 21.96 8.08 2.96
N ASP B 514 22.66 8.12 1.80
CA ASP B 514 22.89 9.36 1.11
C ASP B 514 21.64 9.69 0.36
N MET B 515 20.84 10.75 0.81
CA MET B 515 19.82 11.10 -0.08
C MET B 515 19.91 12.55 -0.49
N ASN B 516 19.17 12.78 -1.69
CA ASN B 516 18.86 13.91 -2.45
C ASN B 516 17.73 14.33 -1.59
N ARG B 517 16.53 13.68 -1.66
CA ARG B 517 15.69 14.22 -0.65
C ARG B 517 15.80 13.26 0.55
N PRO B 518 15.76 13.91 1.64
CA PRO B 518 15.16 13.52 2.82
C PRO B 518 13.71 13.33 2.98
N LEU B 519 13.49 12.58 3.98
CA LEU B 519 12.34 12.19 4.61
C LEU B 519 11.94 13.34 5.48
N LEU B 520 10.76 13.92 5.24
CA LEU B 520 10.00 14.90 6.00
C LEU B 520 9.04 14.05 6.81
N PRO B 521 8.51 14.31 8.03
CA PRO B 521 7.46 13.59 8.62
C PRO B 521 6.22 13.72 7.70
N GLY B 522 5.59 12.60 7.34
CA GLY B 522 4.43 12.64 6.51
C GLY B 522 4.77 12.35 5.08
N THR B 523 6.07 12.02 4.74
CA THR B 523 6.38 11.88 3.37
C THR B 523 6.03 10.45 2.95
N PRO B 524 5.57 10.21 1.78
CA PRO B 524 5.27 8.93 1.23
C PRO B 524 6.49 8.26 0.67
N PHE B 525 6.63 6.93 0.88
CA PHE B 525 7.73 6.20 0.33
C PHE B 525 7.20 4.87 -0.08
N ILE B 526 8.04 4.07 -0.76
CA ILE B 526 7.58 2.77 -1.12
C ILE B 526 8.42 1.78 -0.38
N LEU B 527 7.73 0.92 0.40
CA LEU B 527 8.35 -0.05 1.26
C LEU B 527 8.44 -1.36 0.51
N PHE B 528 9.61 -2.04 0.60
CA PHE B 528 9.80 -3.29 -0.08
C PHE B 528 10.16 -4.36 0.91
N ILE B 529 9.15 -5.11 1.44
CA ILE B 529 9.49 -6.18 2.33
C ILE B 529 9.89 -7.45 1.64
N GLY B 530 8.96 -8.05 0.87
CA GLY B 530 9.21 -9.35 0.30
C GLY B 530 8.65 -9.20 -1.05
N VAL B 531 7.64 -10.00 -1.37
CA VAL B 531 6.99 -9.83 -2.61
C VAL B 531 6.30 -8.49 -2.56
N LYS B 532 5.86 -8.08 -1.35
CA LYS B 532 5.09 -6.88 -1.24
C LYS B 532 5.94 -5.64 -1.34
N GLU B 533 5.44 -4.70 -2.17
CA GLU B 533 5.97 -3.39 -2.39
C GLU B 533 4.76 -2.52 -2.23
N GLN B 534 4.76 -1.57 -1.28
CA GLN B 534 3.55 -0.81 -1.10
C GLN B 534 3.88 0.60 -0.73
N PRO B 535 2.94 1.46 -0.97
CA PRO B 535 3.10 2.84 -0.60
C PRO B 535 2.92 2.98 0.87
N ALA B 536 3.70 3.87 1.51
CA ALA B 536 3.57 4.03 2.92
C ALA B 536 3.85 5.44 3.24
N ARG B 537 3.46 5.96 4.41
CA ARG B 537 3.67 7.29 4.84
C ARG B 537 4.52 7.13 6.04
N ILE B 538 5.63 7.84 6.10
CA ILE B 538 6.40 7.86 7.29
C ILE B 538 5.82 9.03 8.01
N LYS B 539 4.72 8.75 8.73
CA LYS B 539 4.00 9.80 9.37
C LYS B 539 4.73 10.08 10.59
N ARG B 540 4.88 11.38 10.90
CA ARG B 540 5.63 11.68 12.06
C ARG B 540 7.04 11.29 11.78
N LEU B 541 7.90 11.77 12.65
CA LEU B 541 9.25 11.34 12.79
C LEU B 541 9.38 11.46 14.28
N ILE B 542 9.26 10.33 15.01
CA ILE B 542 9.21 10.39 16.43
C ILE B 542 10.51 10.86 16.97
N SER B 543 11.62 10.27 16.51
CA SER B 543 12.88 10.67 17.02
C SER B 543 13.88 10.54 15.93
N PHE B 544 15.05 11.17 16.14
CA PHE B 544 16.07 11.19 15.16
C PHE B 544 17.24 10.57 15.84
N ILE B 545 18.37 11.27 15.92
CA ILE B 545 19.47 10.71 16.65
C ILE B 545 18.97 10.51 18.03
N ASP B 546 18.23 11.52 18.55
CA ASP B 546 17.62 11.40 19.84
C ASP B 546 16.95 12.72 20.02
N LYS B 547 16.67 13.39 18.89
CA LYS B 547 16.09 14.70 18.94
C LYS B 547 14.93 14.69 18.00
N GLY B 548 14.16 15.80 17.99
CA GLY B 548 13.07 15.87 17.08
C GLY B 548 13.53 16.71 15.93
N ASN B 549 13.47 16.13 14.71
CA ASN B 549 13.90 16.85 13.52
C ASN B 549 13.38 16.06 12.35
N THR B 550 13.74 16.47 11.08
CA THR B 550 13.37 15.85 9.80
C THR B 550 14.51 14.83 9.67
N ALA B 551 14.56 13.99 8.64
CA ALA B 551 15.64 13.05 8.63
C ALA B 551 16.55 13.29 7.47
N SER B 552 17.80 13.66 7.76
CA SER B 552 18.78 13.94 6.75
C SER B 552 19.57 12.68 6.51
N LYS B 553 20.62 12.80 5.68
CA LYS B 553 21.49 11.75 5.24
C LYS B 553 22.36 11.23 6.35
N LYS B 554 22.72 9.94 6.24
CA LYS B 554 23.63 9.27 7.13
C LYS B 554 23.26 9.54 8.53
N LYS B 555 21.99 9.34 8.88
CA LYS B 555 21.75 9.67 10.24
C LYS B 555 21.37 8.45 10.99
N ILE B 556 22.20 8.22 12.04
CA ILE B 556 22.16 7.19 13.04
C ILE B 556 22.74 7.85 14.25
N ARG B 557 22.49 7.31 15.46
CA ARG B 557 23.14 7.94 16.57
C ARG B 557 24.59 7.59 16.43
N HIS B 558 25.48 8.56 16.73
CA HIS B 558 26.88 8.32 16.52
C HIS B 558 27.38 7.21 17.37
N LEU B 559 27.13 7.28 18.70
CA LEU B 559 27.69 6.27 19.55
C LEU B 559 26.65 5.95 20.59
N GLY B 560 26.70 4.72 21.14
CA GLY B 560 25.73 4.36 22.14
C GLY B 560 24.55 3.83 21.42
N SER B 561 23.34 4.13 21.94
CA SER B 561 22.15 3.64 21.30
C SER B 561 22.18 4.17 19.91
N LYS B 562 21.73 3.35 18.95
CA LYS B 562 21.77 3.77 17.58
C LYS B 562 20.42 4.30 17.25
N GLN B 563 20.33 5.61 16.93
CA GLN B 563 19.06 6.12 16.55
C GLN B 563 19.23 6.84 15.26
N ARG B 564 19.22 6.09 14.14
CA ARG B 564 19.27 6.69 12.86
C ARG B 564 18.00 7.48 12.85
N ALA B 565 16.88 6.78 13.13
CA ALA B 565 15.62 7.44 13.25
C ALA B 565 14.66 6.43 13.79
N PHE B 566 13.74 6.90 14.65
CA PHE B 566 12.70 6.06 15.20
C PHE B 566 11.52 6.53 14.42
N VAL B 567 10.76 5.61 13.81
CA VAL B 567 9.76 6.09 12.91
C VAL B 567 8.50 5.31 13.08
N GLU B 568 7.38 5.91 12.61
CA GLU B 568 6.11 5.27 12.60
C GLU B 568 5.71 5.23 11.15
N ILE B 569 5.58 4.03 10.57
CA ILE B 569 5.28 3.91 9.17
C ILE B 569 3.91 3.34 8.99
N GLU B 570 3.08 4.02 8.16
CA GLU B 570 1.71 3.61 7.97
C GLU B 570 1.53 3.18 6.55
N LEU B 571 0.68 2.16 6.33
CA LEU B 571 0.43 1.67 5.00
C LEU B 571 -0.74 2.40 4.45
N ILE B 572 -0.54 3.03 3.29
CA ILE B 572 -1.58 3.76 2.62
C ILE B 572 -2.62 2.85 2.01
N GLU B 573 -2.16 1.73 1.40
CA GLU B 573 -3.00 0.97 0.52
C GLU B 573 -4.23 0.33 1.09
N VAL B 574 -4.17 -0.49 2.16
CA VAL B 574 -5.44 -1.14 2.36
C VAL B 574 -5.69 -1.43 3.81
N LYS B 575 -6.98 -1.46 4.21
CA LYS B 575 -7.36 -1.78 5.55
C LYS B 575 -6.91 -3.19 5.74
N ARG B 576 -6.57 -3.58 7.00
CA ARG B 576 -6.04 -4.89 7.32
C ARG B 576 -4.75 -4.93 6.58
N TRP B 577 -4.04 -3.76 6.63
CA TRP B 577 -2.99 -3.38 5.75
C TRP B 577 -2.05 -4.49 5.47
N ILE B 578 -1.15 -4.82 6.41
CA ILE B 578 -0.21 -5.81 6.00
C ILE B 578 0.21 -6.63 7.16
N PRO B 579 0.45 -7.87 6.88
CA PRO B 579 0.97 -8.74 7.88
C PRO B 579 2.45 -8.55 7.98
N LEU B 580 3.00 -8.57 9.21
CA LEU B 580 4.41 -8.42 9.33
C LEU B 580 4.82 -8.91 10.67
N LEU B 581 6.14 -9.12 10.85
CA LEU B 581 6.61 -9.61 12.12
C LEU B 581 7.71 -8.68 12.49
N THR B 582 8.10 -8.68 13.78
CA THR B 582 9.22 -7.89 14.22
C THR B 582 10.42 -8.60 13.69
N ALA B 583 11.53 -7.85 13.53
CA ALA B 583 12.74 -8.43 13.04
C ALA B 583 13.24 -9.44 14.03
N HIS B 584 12.95 -9.15 15.38
CA HIS B 584 13.54 -9.91 16.51
C HIS B 584 13.19 -11.38 16.47
N GLU B 585 11.90 -11.74 16.32
CA GLU B 585 11.44 -13.13 16.19
C GLU B 585 11.80 -13.73 14.92
N ASN B 586 11.88 -12.88 13.83
CA ASN B 586 12.37 -13.20 12.46
C ASN B 586 12.44 -11.92 11.58
N ASP B 587 13.70 -11.56 11.16
CA ASP B 587 14.26 -10.57 10.36
C ASP B 587 13.83 -10.54 8.90
N ARG B 588 13.75 -11.54 8.01
CA ARG B 588 13.23 -11.33 6.65
C ARG B 588 11.81 -10.89 6.55
N LEU B 589 10.99 -11.32 7.53
CA LEU B 589 9.73 -10.63 7.66
C LEU B 589 9.86 -9.21 8.16
N GLY B 590 10.85 -8.98 9.05
CA GLY B 590 11.16 -7.74 9.74
C GLY B 590 11.96 -6.70 9.01
N ARG B 591 12.80 -7.10 8.03
CA ARG B 591 13.70 -6.16 7.40
C ARG B 591 13.08 -5.65 6.13
N VAL B 592 13.20 -4.34 5.87
CA VAL B 592 12.58 -3.78 4.70
C VAL B 592 13.43 -2.65 4.20
N VAL B 593 13.17 -2.19 2.95
CA VAL B 593 13.88 -1.11 2.35
C VAL B 593 12.90 -0.02 2.04
N LEU B 594 13.34 1.26 2.13
CA LEU B 594 12.49 2.37 1.82
C LEU B 594 13.05 3.11 0.63
N ARG B 595 12.21 3.43 -0.39
CA ARG B 595 12.76 4.21 -1.48
C ARG B 595 11.78 5.27 -1.89
N LYS B 596 12.25 6.55 -2.17
CA LYS B 596 11.49 7.62 -2.56
C LYS B 596 10.95 7.47 -3.90
N ASP B 597 11.58 8.02 -4.92
CA ASP B 597 11.12 7.75 -6.25
C ASP B 597 11.74 6.47 -6.72
N GLY B 598 12.92 6.65 -7.35
CA GLY B 598 13.82 5.65 -7.84
C GLY B 598 14.77 5.17 -6.79
N ARG B 599 15.28 6.12 -5.97
CA ARG B 599 16.38 5.86 -5.09
C ARG B 599 15.94 5.30 -3.79
N THR B 600 16.84 4.50 -3.17
CA THR B 600 16.57 3.92 -1.89
C THR B 600 17.18 4.83 -0.86
N ILE B 601 16.26 5.41 -0.05
CA ILE B 601 16.58 6.31 0.98
C ILE B 601 17.05 5.66 2.31
N ALA B 602 16.41 4.55 2.71
CA ALA B 602 16.73 4.03 4.01
C ALA B 602 16.34 2.59 4.11
N ALA B 603 16.70 1.96 5.24
CA ALA B 603 16.33 0.60 5.52
C ALA B 603 16.16 0.49 7.00
N GLY B 604 15.43 -0.53 7.49
CA GLY B 604 15.22 -0.61 8.91
C GLY B 604 14.61 -1.92 9.31
N LYS B 605 14.39 -2.06 10.63
CA LYS B 605 13.85 -3.21 11.30
C LYS B 605 12.54 -2.81 11.92
N ILE B 606 11.56 -3.73 11.95
CA ILE B 606 10.30 -3.37 12.57
C ILE B 606 10.40 -3.74 14.01
N SER B 607 10.35 -2.70 14.89
CA SER B 607 10.47 -2.84 16.32
C SER B 607 9.18 -3.24 16.96
N GLU B 608 8.04 -2.68 16.49
CA GLU B 608 6.83 -2.99 17.19
C GLU B 608 5.69 -2.96 16.23
N ILE B 609 4.56 -3.57 16.66
CA ILE B 609 3.35 -3.79 15.89
C ILE B 609 2.41 -2.91 16.62
N THR B 610 1.56 -2.15 15.89
CA THR B 610 0.51 -1.31 16.46
C THR B 610 -0.75 -1.74 15.77
N GLN B 611 -1.90 -1.32 16.25
CA GLN B 611 -3.22 -1.50 15.66
C GLN B 611 -3.27 -0.81 14.27
#